data_9B12
#
_entry.id   9B12
#
_cell.length_a   110.413
_cell.length_b   70.191
_cell.length_c   193.944
_cell.angle_alpha   90.00
_cell.angle_beta   102.25
_cell.angle_gamma   90.00
#
_symmetry.space_group_name_H-M   'C 1 2 1'
#
loop_
_entity.id
_entity.type
_entity.pdbx_description
1 polymer Optineurin
2 polymer Ubiquitin
3 polymer 'E3 ubiquitin-protein ligase RNF31'
4 non-polymer 'TETRAETHYLENE GLYCOL'
5 non-polymer 'TRIETHYLENE GLYCOL'
6 non-polymer 'CHLORIDE ION'
7 non-polymer '4-(2-HYDROXYETHYL)-1-PIPERAZINE ETHANESULFONIC ACID'
8 non-polymer 'ZINC ION'
9 water water
#
loop_
_entity_poly.entity_id
_entity_poly.type
_entity_poly.pdbx_seq_one_letter_code
_entity_poly.pdbx_strand_id
1 'polypeptide(L)'
;GPDRAVLKELSEKLELAEKALASKQLQMDEMKQTIAKQEEDLETMTILRAQMEVYCSDFHAERAAREKIHEEKEQLALQL
AVLLKENDAFEDGGRQ
;
C,D,E,F
2 'polypeptide(L)'
;MQIFVKTLTGKTITLEVEPSDTIENVKAKIQDKEGIPPDQQRLIFAGKQLEDGRTLSDYNIQKESTLHLVLRLRGGMQIF
VKTLTGKTITLEVEPSDTIENVKAKIQDKEGIPPDQQRLIFAGKQLEDGRTLSDYNIQKESTLHLVLRLRGG
;
A,B
3 'polypeptide(L)' ARGRWACQSCTFENEAAAVLCSICERPRLA G,H,I,J
#
# COMPACT_ATOMS: atom_id res chain seq x y z
N ASP A 3 -80.24 32.22 -16.19
CA ASP A 3 -79.16 33.10 -16.64
C ASP A 3 -78.26 33.54 -15.47
N ARG A 4 -78.88 33.84 -14.32
CA ARG A 4 -78.09 34.13 -13.13
C ARG A 4 -77.06 33.03 -12.88
N ALA A 5 -77.40 31.79 -13.25
CA ALA A 5 -76.44 30.71 -13.13
C ALA A 5 -75.31 30.88 -14.15
N VAL A 6 -75.62 31.42 -15.33
CA VAL A 6 -74.57 31.69 -16.30
C VAL A 6 -73.53 32.64 -15.71
N LEU A 7 -74.00 33.70 -15.04
CA LEU A 7 -73.05 34.57 -14.36
C LEU A 7 -72.25 33.78 -13.33
N LYS A 8 -72.92 32.83 -12.66
CA LYS A 8 -72.23 32.01 -11.68
C LYS A 8 -71.22 31.07 -12.33
N GLU A 9 -71.51 30.57 -13.54
CA GLU A 9 -70.53 29.73 -14.22
C GLU A 9 -69.26 30.50 -14.54
N LEU A 10 -69.40 31.66 -15.19
CA LEU A 10 -68.25 32.45 -15.59
C LEU A 10 -67.49 32.97 -14.38
N SER A 11 -68.19 33.53 -13.41
CA SER A 11 -67.51 34.03 -12.22
C SER A 11 -66.75 32.90 -11.53
N GLU A 12 -67.35 31.71 -11.47
CA GLU A 12 -66.68 30.59 -10.83
C GLU A 12 -65.51 30.11 -11.67
N LYS A 13 -65.66 30.09 -13.00
CA LYS A 13 -64.55 29.65 -13.84
C LYS A 13 -63.44 30.68 -13.87
N LEU A 14 -63.81 31.97 -13.84
CA LEU A 14 -62.78 33.00 -13.79
C LEU A 14 -61.99 32.88 -12.50
N GLU A 15 -62.69 32.76 -11.36
CA GLU A 15 -61.94 32.60 -10.12
C GLU A 15 -61.03 31.40 -10.19
N LEU A 16 -61.47 30.34 -10.85
CA LEU A 16 -60.62 29.16 -11.00
C LEU A 16 -59.42 29.47 -11.85
N ALA A 17 -59.61 30.19 -12.96
CA ALA A 17 -58.48 30.58 -13.80
C ALA A 17 -57.50 31.44 -13.00
N GLU A 18 -58.00 32.40 -12.22
CA GLU A 18 -57.06 33.25 -11.49
C GLU A 18 -56.35 32.49 -10.38
N LYS A 19 -56.99 31.51 -9.76
CA LYS A 19 -56.26 30.66 -8.83
C LYS A 19 -55.22 29.82 -9.56
N ALA A 20 -55.57 29.30 -10.73
CA ALA A 20 -54.62 28.50 -11.51
C ALA A 20 -53.41 29.34 -11.90
N LEU A 21 -53.63 30.63 -12.17
CA LEU A 21 -52.50 31.52 -12.47
C LEU A 21 -51.57 31.68 -11.29
N ALA A 22 -52.12 31.99 -10.11
CA ALA A 22 -51.26 32.10 -8.93
C ALA A 22 -50.50 30.81 -8.71
N SER A 23 -51.16 29.68 -8.96
CA SER A 23 -50.50 28.41 -8.78
C SER A 23 -49.36 28.22 -9.77
N LYS A 24 -49.60 28.52 -11.05
CA LYS A 24 -48.52 28.40 -12.02
C LYS A 24 -47.39 29.36 -11.67
N GLN A 25 -47.72 30.57 -11.22
CA GLN A 25 -46.64 31.50 -10.88
C GLN A 25 -45.82 30.99 -9.70
N LEU A 26 -46.48 30.51 -8.66
CA LEU A 26 -45.72 29.97 -7.53
C LEU A 26 -44.86 28.81 -7.98
N GLN A 27 -45.36 27.98 -8.90
CA GLN A 27 -44.51 26.91 -9.42
C GLN A 27 -43.33 27.49 -10.16
N MET A 28 -43.55 28.49 -11.00
CA MET A 28 -42.41 29.08 -11.70
C MET A 28 -41.42 29.65 -10.69
N ASP A 29 -41.91 30.23 -9.60
CA ASP A 29 -40.99 30.75 -8.61
C ASP A 29 -40.10 29.64 -8.06
N GLU A 30 -40.69 28.49 -7.76
CA GLU A 30 -39.88 27.37 -7.28
C GLU A 30 -38.87 26.94 -8.33
N MET A 31 -39.30 26.83 -9.58
CA MET A 31 -38.37 26.43 -10.62
C MET A 31 -37.21 27.41 -10.74
N LYS A 32 -37.50 28.71 -10.61
CA LYS A 32 -36.41 29.70 -10.68
C LYS A 32 -35.36 29.41 -9.62
N GLN A 33 -35.80 29.03 -8.40
CA GLN A 33 -34.81 28.71 -7.37
C GLN A 33 -34.03 27.46 -7.75
N THR A 34 -34.71 26.44 -8.27
CA THR A 34 -34.02 25.24 -8.75
C THR A 34 -32.94 25.58 -9.76
N ILE A 35 -33.26 26.43 -10.73
CA ILE A 35 -32.22 26.84 -11.66
C ILE A 35 -31.08 27.51 -10.90
N ALA A 36 -31.41 28.29 -9.87
CA ALA A 36 -30.41 29.01 -9.10
C ALA A 36 -29.52 28.06 -8.32
N LYS A 37 -30.12 27.07 -7.64
CA LYS A 37 -29.32 26.11 -6.89
C LYS A 37 -28.44 25.29 -7.81
N GLN A 38 -29.02 24.79 -8.92
CA GLN A 38 -28.24 23.97 -9.84
C GLN A 38 -27.10 24.76 -10.46
N GLU A 39 -27.32 26.04 -10.75
CA GLU A 39 -26.21 26.85 -11.23
C GLU A 39 -25.12 26.98 -10.16
N GLU A 40 -25.55 27.08 -8.90
CA GLU A 40 -24.59 27.09 -7.78
C GLU A 40 -23.80 25.79 -7.72
N ASP A 41 -24.48 24.66 -7.88
CA ASP A 41 -23.78 23.37 -7.87
C ASP A 41 -22.76 23.30 -9.00
N LEU A 42 -23.09 23.86 -10.16
CA LEU A 42 -22.17 23.80 -11.29
C LEU A 42 -20.88 24.59 -11.02
N GLU A 43 -20.93 25.60 -10.15
CA GLU A 43 -19.71 26.33 -9.81
C GLU A 43 -18.65 25.40 -9.23
N THR A 44 -19.07 24.33 -8.54
CA THR A 44 -18.15 23.33 -8.01
C THR A 44 -17.29 22.70 -9.10
N MET A 45 -17.68 22.86 -10.38
CA MET A 45 -16.87 22.35 -11.49
C MET A 45 -15.52 23.03 -11.61
N THR A 46 -15.43 24.31 -11.27
CA THR A 46 -14.14 24.99 -11.38
C THR A 46 -13.11 24.32 -10.48
N ILE A 47 -13.50 24.06 -9.23
CA ILE A 47 -12.61 23.37 -8.31
C ILE A 47 -12.31 21.96 -8.82
N LEU A 48 -13.31 21.28 -9.39
CA LEU A 48 -13.07 19.93 -9.89
C LEU A 48 -12.04 19.92 -11.01
N ARG A 49 -12.14 20.83 -11.98
CA ARG A 49 -11.16 20.81 -13.05
C ARG A 49 -9.76 21.17 -12.56
N ALA A 50 -9.67 22.10 -11.60
CA ALA A 50 -8.36 22.43 -11.03
C ALA A 50 -7.71 21.19 -10.43
N GLN A 51 -8.46 20.43 -9.64
CA GLN A 51 -7.91 19.20 -9.09
C GLN A 51 -7.43 18.24 -10.18
N MET A 52 -8.23 18.07 -11.24
CA MET A 52 -7.83 17.15 -12.29
C MET A 52 -6.50 17.59 -12.91
N GLU A 53 -6.33 18.89 -13.12
CA GLU A 53 -5.07 19.35 -13.66
C GLU A 53 -3.94 19.11 -12.68
N VAL A 54 -4.18 19.31 -11.38
CA VAL A 54 -3.13 19.04 -10.41
C VAL A 54 -2.72 17.58 -10.43
N TYR A 55 -3.70 16.68 -10.29
CA TYR A 55 -3.41 15.25 -10.29
C TYR A 55 -2.76 14.82 -11.59
N CYS A 56 -3.24 15.36 -12.70
CA CYS A 56 -2.61 15.05 -13.97
C CYS A 56 -1.15 15.55 -13.98
N SER A 57 -0.94 16.78 -13.48
CA SER A 57 0.41 17.37 -13.44
C SER A 57 1.33 16.58 -12.53
N ASP A 58 0.85 16.22 -11.33
CA ASP A 58 1.65 15.40 -10.42
C ASP A 58 2.04 14.05 -11.02
N PHE A 59 1.17 13.44 -11.85
CA PHE A 59 1.54 12.17 -12.47
C PHE A 59 2.81 12.34 -13.31
N HIS A 60 2.78 13.27 -14.27
CA HIS A 60 3.95 13.46 -15.13
C HIS A 60 5.20 13.73 -14.31
N ALA A 61 5.08 14.54 -13.26
CA ALA A 61 6.26 14.83 -12.45
C ALA A 61 6.78 13.56 -11.81
N GLU A 62 5.89 12.73 -11.30
CA GLU A 62 6.31 11.48 -10.69
C GLU A 62 7.03 10.59 -11.69
N ARG A 63 6.51 10.49 -12.91
CA ARG A 63 7.20 9.67 -13.90
C ARG A 63 8.55 10.26 -14.26
N ALA A 64 8.62 11.58 -14.42
CA ALA A 64 9.91 12.21 -14.69
C ALA A 64 10.90 11.90 -13.58
N ALA A 65 10.47 12.05 -12.32
CA ALA A 65 11.32 11.70 -11.20
C ALA A 65 11.71 10.23 -11.27
N ARG A 66 10.76 9.37 -11.63
CA ARG A 66 11.03 7.94 -11.71
C ARG A 66 12.10 7.64 -12.75
N GLU A 67 12.09 8.34 -13.89
CA GLU A 67 13.13 8.10 -14.90
C GLU A 67 14.50 8.56 -14.40
N LYS A 68 14.56 9.68 -13.69
CA LYS A 68 15.85 10.14 -13.16
C LYS A 68 16.40 9.16 -12.15
N ILE A 69 15.56 8.73 -11.21
CA ILE A 69 16.04 7.77 -10.21
C ILE A 69 16.45 6.48 -10.89
N HIS A 70 15.79 6.11 -11.99
CA HIS A 70 16.22 4.94 -12.73
C HIS A 70 17.64 5.13 -13.26
N GLU A 71 17.91 6.25 -13.94
CA GLU A 71 19.26 6.54 -14.42
CA GLU A 71 19.26 6.47 -14.43
C GLU A 71 20.27 6.42 -13.29
N GLU A 72 19.91 6.93 -12.11
CA GLU A 72 20.83 6.85 -10.97
C GLU A 72 21.00 5.41 -10.51
N LYS A 73 19.90 4.66 -10.44
CA LYS A 73 19.99 3.25 -10.07
C LYS A 73 20.91 2.51 -11.02
N GLU A 74 20.84 2.84 -12.31
CA GLU A 74 21.68 2.13 -13.30
C GLU A 74 23.15 2.40 -13.05
N GLN A 75 23.53 3.66 -12.84
CA GLN A 75 24.92 3.96 -12.52
CA GLN A 75 24.94 3.92 -12.56
C GLN A 75 25.40 3.17 -11.32
N LEU A 76 24.63 3.24 -10.22
CA LEU A 76 24.98 2.50 -9.01
C LEU A 76 25.14 1.02 -9.31
N ALA A 77 24.15 0.43 -9.98
CA ALA A 77 24.23 -0.97 -10.36
C ALA A 77 25.51 -1.28 -11.13
N LEU A 78 25.92 -0.38 -12.02
CA LEU A 78 27.15 -0.59 -12.77
C LEU A 78 28.37 -0.48 -11.87
N GLN A 79 28.42 0.56 -11.04
CA GLN A 79 29.55 0.63 -10.10
C GLN A 79 29.66 -0.65 -9.31
N LEU A 80 28.53 -1.13 -8.80
CA LEU A 80 28.53 -2.35 -8.00
C LEU A 80 29.09 -3.52 -8.79
N ALA A 81 28.58 -3.73 -10.01
CA ALA A 81 29.06 -4.83 -10.83
C ALA A 81 30.57 -4.74 -11.06
N VAL A 82 31.09 -3.52 -11.26
CA VAL A 82 32.52 -3.38 -11.50
C VAL A 82 33.32 -3.82 -10.27
N LEU A 83 32.85 -3.47 -9.07
CA LEU A 83 33.58 -3.89 -7.87
C LEU A 83 33.46 -5.39 -7.66
N LEU A 84 32.31 -5.97 -7.99
CA LEU A 84 32.11 -7.40 -7.74
C LEU A 84 32.92 -8.25 -8.70
N LYS A 85 32.92 -7.90 -9.99
CA LYS A 85 33.79 -8.61 -10.93
C LYS A 85 35.24 -8.47 -10.53
N GLU A 86 35.63 -7.31 -9.96
CA GLU A 86 37.02 -7.15 -9.55
C GLU A 86 37.32 -8.08 -8.37
N ASN A 87 36.41 -8.16 -7.40
CA ASN A 87 36.55 -9.14 -6.31
C ASN A 87 36.48 -10.56 -6.85
N ASP A 88 35.61 -10.78 -7.86
CA ASP A 88 35.41 -12.09 -8.47
C ASP A 88 36.70 -12.62 -9.10
N ALA A 89 37.58 -11.73 -9.54
CA ALA A 89 38.79 -12.17 -10.23
C ALA A 89 39.73 -12.96 -9.31
N PHE A 90 39.61 -12.79 -7.99
CA PHE A 90 40.51 -13.44 -7.05
C PHE A 90 39.88 -14.66 -6.38
N GLU A 91 38.99 -15.36 -7.08
CA GLU A 91 38.33 -16.55 -6.55
C GLU A 91 39.04 -17.84 -6.97
N ARG B 4 -72.85 48.51 -17.72
CA ARG B 4 -72.10 47.79 -18.75
C ARG B 4 -72.53 46.31 -18.84
N ALA B 5 -72.21 45.67 -19.97
CA ALA B 5 -72.52 44.26 -20.21
C ALA B 5 -71.66 43.35 -19.33
N VAL B 6 -72.20 42.91 -18.20
CA VAL B 6 -71.42 42.04 -17.32
C VAL B 6 -71.01 40.75 -18.02
N LEU B 7 -71.96 40.10 -18.70
CA LEU B 7 -71.61 38.83 -19.35
C LEU B 7 -70.47 39.03 -20.35
N LYS B 8 -70.45 40.16 -21.05
CA LYS B 8 -69.35 40.41 -21.98
C LYS B 8 -68.06 40.69 -21.21
N GLU B 9 -68.18 41.37 -20.07
CA GLU B 9 -67.02 41.72 -19.27
C GLU B 9 -66.39 40.49 -18.62
N LEU B 10 -67.21 39.62 -18.01
CA LEU B 10 -66.70 38.38 -17.45
C LEU B 10 -66.11 37.49 -18.55
N SER B 11 -66.82 37.36 -19.67
CA SER B 11 -66.33 36.55 -20.76
C SER B 11 -64.95 37.01 -21.23
N GLU B 12 -64.78 38.32 -21.41
CA GLU B 12 -63.50 38.81 -21.91
C GLU B 12 -62.38 38.58 -20.91
N LYS B 13 -62.66 38.73 -19.62
CA LYS B 13 -61.60 38.51 -18.65
C LYS B 13 -61.21 37.05 -18.56
N LEU B 14 -62.20 36.14 -18.64
CA LEU B 14 -61.89 34.71 -18.60
C LEU B 14 -61.08 34.28 -19.81
N GLU B 15 -61.42 34.81 -20.99
CA GLU B 15 -60.59 34.52 -22.14
C GLU B 15 -59.19 35.07 -21.93
N LEU B 16 -59.08 36.23 -21.27
CA LEU B 16 -57.77 36.80 -20.96
C LEU B 16 -57.01 35.92 -19.99
N ALA B 17 -57.71 35.40 -18.97
CA ALA B 17 -57.07 34.50 -18.02
C ALA B 17 -56.53 33.25 -18.68
N GLU B 18 -57.31 32.67 -19.60
CA GLU B 18 -56.89 31.44 -20.26
C GLU B 18 -55.74 31.67 -21.22
N LYS B 19 -55.69 32.83 -21.88
CA LYS B 19 -54.50 33.15 -22.67
C LYS B 19 -53.30 33.35 -21.77
N ALA B 20 -53.50 34.03 -20.63
CA ALA B 20 -52.40 34.23 -19.69
C ALA B 20 -51.89 32.90 -19.17
N LEU B 21 -52.79 31.95 -18.96
CA LEU B 21 -52.38 30.62 -18.51
C LEU B 21 -51.50 29.95 -19.55
N ALA B 22 -51.93 29.96 -20.81
CA ALA B 22 -51.12 29.37 -21.85
C ALA B 22 -49.75 30.01 -21.87
N SER B 23 -49.71 31.35 -21.81
CA SER B 23 -48.45 32.08 -21.79
C SER B 23 -47.57 31.63 -20.63
N LYS B 24 -48.12 31.60 -19.41
CA LYS B 24 -47.32 31.15 -18.28
C LYS B 24 -46.84 29.72 -18.47
N GLN B 25 -47.68 28.86 -19.05
CA GLN B 25 -47.24 27.49 -19.27
C GLN B 25 -46.07 27.43 -20.24
N LEU B 26 -46.12 28.21 -21.33
CA LEU B 26 -45.00 28.24 -22.28
C LEU B 26 -43.72 28.71 -21.60
N GLN B 27 -43.82 29.67 -20.68
CA GLN B 27 -42.62 30.03 -19.93
C GLN B 27 -42.13 28.88 -19.06
N MET B 28 -43.03 28.20 -18.35
CA MET B 28 -42.59 27.06 -17.56
C MET B 28 -41.90 26.02 -18.44
N ASP B 29 -42.40 25.81 -19.65
CA ASP B 29 -41.77 24.84 -20.54
C ASP B 29 -40.34 25.24 -20.86
N GLU B 30 -40.09 26.53 -21.04
CA GLU B 30 -38.71 26.97 -21.24
C GLU B 30 -37.85 26.65 -20.02
N MET B 31 -38.30 27.05 -18.82
CA MET B 31 -37.52 26.78 -17.62
C MET B 31 -37.34 25.28 -17.43
N LYS B 32 -38.38 24.49 -17.70
CA LYS B 32 -38.24 23.05 -17.60
C LYS B 32 -37.12 22.56 -18.51
N GLN B 33 -36.99 23.13 -19.71
CA GLN B 33 -35.89 22.72 -20.58
C GLN B 33 -34.55 23.19 -20.03
N THR B 34 -34.49 24.40 -19.47
CA THR B 34 -33.25 24.82 -18.83
C THR B 34 -32.85 23.82 -17.75
N ILE B 35 -33.80 23.47 -16.87
CA ILE B 35 -33.49 22.52 -15.81
C ILE B 35 -32.98 21.22 -16.40
N ALA B 36 -33.51 20.82 -17.56
CA ALA B 36 -33.02 19.61 -18.21
C ALA B 36 -31.58 19.78 -18.69
N LYS B 37 -31.26 20.93 -19.29
CA LYS B 37 -29.88 21.16 -19.71
C LYS B 37 -28.94 21.16 -18.50
N GLN B 38 -29.35 21.81 -17.42
CA GLN B 38 -28.50 21.83 -16.23
C GLN B 38 -28.28 20.41 -15.71
N GLU B 39 -29.31 19.58 -15.74
CA GLU B 39 -29.14 18.20 -15.32
C GLU B 39 -28.19 17.44 -16.24
N GLU B 40 -28.20 17.76 -17.54
CA GLU B 40 -27.20 17.19 -18.42
C GLU B 40 -25.80 17.65 -18.02
N ASP B 41 -25.64 18.95 -17.78
CA ASP B 41 -24.35 19.45 -17.31
C ASP B 41 -23.96 18.85 -15.97
N LEU B 42 -24.93 18.66 -15.07
CA LEU B 42 -24.57 18.08 -13.78
C LEU B 42 -24.09 16.64 -13.94
N GLU B 43 -24.64 15.91 -14.90
CA GLU B 43 -24.11 14.58 -15.18
C GLU B 43 -22.70 14.67 -15.73
N THR B 44 -22.44 15.65 -16.59
CA THR B 44 -21.08 15.85 -17.09
C THR B 44 -20.13 16.23 -15.96
N MET B 45 -20.63 16.89 -14.91
CA MET B 45 -19.75 17.22 -13.80
C MET B 45 -19.38 15.97 -13.01
N THR B 46 -20.31 15.01 -12.89
CA THR B 46 -20.00 13.75 -12.22
C THR B 46 -18.94 12.99 -12.98
N ILE B 47 -19.08 12.92 -14.30
CA ILE B 47 -18.07 12.27 -15.12
C ILE B 47 -16.73 12.99 -14.97
N LEU B 48 -16.75 14.32 -14.96
CA LEU B 48 -15.52 15.04 -14.68
C LEU B 48 -14.93 14.61 -13.34
N ARG B 49 -15.79 14.41 -12.34
CA ARG B 49 -15.32 13.94 -11.05
C ARG B 49 -14.69 12.57 -11.17
N ALA B 50 -15.29 11.69 -11.98
CA ALA B 50 -14.70 10.38 -12.19
C ALA B 50 -13.32 10.51 -12.84
N GLN B 51 -13.24 11.28 -13.93
CA GLN B 51 -11.95 11.49 -14.58
C GLN B 51 -10.92 12.02 -13.59
N MET B 52 -11.34 12.94 -12.73
CA MET B 52 -10.40 13.46 -11.76
C MET B 52 -9.94 12.37 -10.80
N GLU B 53 -10.85 11.49 -10.40
CA GLU B 53 -10.44 10.42 -9.50
C GLU B 53 -9.50 9.43 -10.18
N VAL B 54 -9.73 9.12 -11.46
CA VAL B 54 -8.80 8.22 -12.15
C VAL B 54 -7.41 8.84 -12.18
N TYR B 55 -7.32 10.12 -12.53
CA TYR B 55 -6.01 10.76 -12.52
C TYR B 55 -5.42 10.70 -11.13
N CYS B 56 -6.24 10.91 -10.10
CA CYS B 56 -5.73 10.79 -8.75
C CYS B 56 -5.18 9.40 -8.51
N SER B 57 -5.90 8.37 -8.97
CA SER B 57 -5.45 7.00 -8.77
C SER B 57 -4.15 6.75 -9.52
N ASP B 58 -4.11 7.09 -10.82
CA ASP B 58 -2.89 6.91 -11.60
C ASP B 58 -1.74 7.69 -11.01
N PHE B 59 -2.01 8.87 -10.46
CA PHE B 59 -0.96 9.59 -9.75
C PHE B 59 -0.40 8.74 -8.61
N HIS B 60 -1.28 8.23 -7.76
CA HIS B 60 -0.84 7.38 -6.66
C HIS B 60 -0.02 6.19 -7.14
N ALA B 61 -0.47 5.53 -8.22
CA ALA B 61 0.26 4.38 -8.72
C ALA B 61 1.65 4.78 -9.23
N GLU B 62 1.73 5.88 -9.98
CA GLU B 62 3.05 6.33 -10.43
C GLU B 62 3.91 6.71 -9.24
N ARG B 63 3.34 7.41 -8.25
CA ARG B 63 4.13 7.76 -7.09
C ARG B 63 4.65 6.51 -6.38
N ALA B 64 3.80 5.50 -6.25
CA ALA B 64 4.22 4.23 -5.66
C ALA B 64 5.40 3.63 -6.41
N ALA B 65 5.30 3.60 -7.74
CA ALA B 65 6.40 3.08 -8.54
C ALA B 65 7.67 3.91 -8.33
N ARG B 66 7.54 5.24 -8.32
CA ARG B 66 8.73 6.07 -8.13
C ARG B 66 9.35 5.81 -6.76
N GLU B 67 8.52 5.64 -5.73
CA GLU B 67 9.06 5.34 -4.41
C GLU B 67 9.73 3.98 -4.40
N LYS B 68 9.18 3.00 -5.12
CA LYS B 68 9.81 1.69 -5.12
C LYS B 68 11.18 1.74 -5.76
N ILE B 69 11.30 2.38 -6.94
CA ILE B 69 12.62 2.46 -7.56
C ILE B 69 13.55 3.31 -6.74
N HIS B 70 13.03 4.34 -6.05
CA HIS B 70 13.90 5.13 -5.19
C HIS B 70 14.47 4.27 -4.06
N GLU B 71 13.64 3.39 -3.51
CA GLU B 71 14.10 2.52 -2.43
C GLU B 71 15.09 1.48 -2.94
N GLU B 72 14.89 0.98 -4.15
CA GLU B 72 15.88 0.08 -4.72
C GLU B 72 17.22 0.79 -4.91
N LYS B 73 17.18 2.04 -5.36
CA LYS B 73 18.41 2.80 -5.48
C LYS B 73 19.11 2.95 -4.15
N GLU B 74 18.35 3.16 -3.08
CA GLU B 74 18.99 3.33 -1.79
C GLU B 74 19.66 2.04 -1.33
N GLN B 75 18.94 0.91 -1.42
CA GLN B 75 19.58 -0.33 -1.02
CA GLN B 75 19.53 -0.39 -1.10
C GLN B 75 20.87 -0.57 -1.82
N LEU B 76 20.94 -0.10 -3.06
CA LEU B 76 22.17 -0.22 -3.83
C LEU B 76 23.24 0.70 -3.27
N ALA B 77 22.89 1.95 -3.00
CA ALA B 77 23.86 2.86 -2.39
C ALA B 77 24.48 2.23 -1.15
N LEU B 78 23.67 1.55 -0.34
CA LEU B 78 24.20 0.90 0.86
C LEU B 78 25.12 -0.27 0.50
N GLN B 79 24.66 -1.14 -0.40
CA GLN B 79 25.54 -2.23 -0.82
C GLN B 79 26.88 -1.67 -1.28
N LEU B 80 26.84 -0.61 -2.06
CA LEU B 80 28.06 0.05 -2.49
C LEU B 80 28.88 0.51 -1.29
N ALA B 81 28.23 1.18 -0.34
CA ALA B 81 28.95 1.64 0.85
C ALA B 81 29.63 0.50 1.58
N VAL B 82 28.96 -0.67 1.67
CA VAL B 82 29.57 -1.81 2.32
C VAL B 82 30.82 -2.26 1.57
N LEU B 83 30.77 -2.26 0.24
CA LEU B 83 31.92 -2.68 -0.55
C LEU B 83 33.09 -1.73 -0.37
N LEU B 84 32.81 -0.44 -0.22
CA LEU B 84 33.89 0.52 -0.10
C LEU B 84 34.56 0.39 1.27
N LYS B 85 33.78 0.24 2.34
CA LYS B 85 34.37 0.00 3.65
C LYS B 85 35.20 -1.28 3.65
N GLU B 86 34.72 -2.31 2.97
CA GLU B 86 35.47 -3.56 2.87
C GLU B 86 36.74 -3.38 2.05
N ASN B 87 36.64 -2.70 0.90
CA ASN B 87 37.82 -2.50 0.07
C ASN B 87 38.88 -1.65 0.78
N ASP B 88 38.45 -0.61 1.49
CA ASP B 88 39.40 0.21 2.22
C ASP B 88 40.06 -0.56 3.35
N ALA B 89 39.42 -1.64 3.83
CA ALA B 89 40.02 -2.44 4.89
C ALA B 89 41.30 -3.10 4.43
N PHE B 90 41.42 -3.39 3.12
CA PHE B 90 42.69 -3.88 2.60
C PHE B 90 43.75 -2.78 2.61
N GLU B 91 43.35 -1.54 2.30
CA GLU B 91 44.27 -0.43 2.23
C GLU B 91 44.65 0.12 3.60
N PRO C 2 48.58 -67.73 22.61
CA PRO C 2 48.39 -66.60 23.53
C PRO C 2 49.17 -65.37 23.07
N ASP C 3 50.49 -65.47 22.99
CA ASP C 3 51.29 -64.34 22.52
C ASP C 3 50.91 -63.95 21.10
N ARG C 4 50.74 -64.94 20.22
CA ARG C 4 50.23 -64.61 18.89
C ARG C 4 48.84 -64.02 18.97
N ALA C 5 48.01 -64.56 19.87
CA ALA C 5 46.66 -64.04 20.01
C ALA C 5 46.68 -62.63 20.58
N VAL C 6 47.43 -62.40 21.65
CA VAL C 6 47.54 -61.04 22.20
C VAL C 6 48.09 -60.10 21.13
N LEU C 7 49.14 -60.51 20.43
CA LEU C 7 49.71 -59.63 19.41
C LEU C 7 48.69 -59.28 18.34
N LYS C 8 47.84 -60.24 17.94
CA LYS C 8 46.85 -59.90 16.93
C LYS C 8 45.78 -58.98 17.50
N GLU C 9 45.37 -59.22 18.74
CA GLU C 9 44.33 -58.40 19.34
C GLU C 9 44.79 -56.96 19.48
N LEU C 10 46.02 -56.76 20.00
CA LEU C 10 46.58 -55.43 20.17
C LEU C 10 46.88 -54.77 18.84
N SER C 11 47.48 -55.52 17.91
CA SER C 11 47.82 -54.94 16.61
C SER C 11 46.58 -54.43 15.91
N GLU C 12 45.51 -55.22 15.93
CA GLU C 12 44.30 -54.83 15.23
C GLU C 12 43.63 -53.64 15.90
N LYS C 13 43.67 -53.61 17.22
CA LYS C 13 43.01 -52.54 17.94
C LYS C 13 43.76 -51.22 17.75
N LEU C 14 45.08 -51.29 17.67
CA LEU C 14 45.89 -50.09 17.43
C LEU C 14 45.64 -49.55 16.03
N GLU C 15 45.64 -50.41 15.02
CA GLU C 15 45.32 -49.96 13.67
CA GLU C 15 45.34 -49.92 13.69
C GLU C 15 43.95 -49.30 13.63
N LEU C 16 43.00 -49.85 14.39
CA LEU C 16 41.68 -49.24 14.46
C LEU C 16 41.77 -47.88 15.14
N ALA C 17 42.52 -47.80 16.23
CA ALA C 17 42.70 -46.52 16.91
C ALA C 17 43.32 -45.51 15.97
N GLU C 18 44.36 -45.90 15.22
CA GLU C 18 45.00 -44.96 14.31
C GLU C 18 44.09 -44.61 13.15
N LYS C 19 43.23 -45.54 12.72
CA LYS C 19 42.21 -45.16 11.74
C LYS C 19 41.22 -44.19 12.36
N ALA C 20 40.81 -44.43 13.62
CA ALA C 20 39.88 -43.53 14.28
C ALA C 20 40.48 -42.13 14.44
N LEU C 21 41.79 -42.05 14.69
CA LEU C 21 42.41 -40.73 14.83
C LEU C 21 42.35 -39.94 13.54
N ALA C 22 42.72 -40.59 12.42
CA ALA C 22 42.64 -39.93 11.14
C ALA C 22 41.23 -39.46 10.84
N SER C 23 40.23 -40.24 11.23
CA SER C 23 38.85 -39.84 10.96
CA SER C 23 38.85 -39.84 10.96
C SER C 23 38.44 -38.67 11.85
N LYS C 24 38.87 -38.66 13.10
CA LYS C 24 38.55 -37.51 13.95
C LYS C 24 39.28 -36.27 13.47
N GLN C 25 40.52 -36.42 12.98
CA GLN C 25 41.23 -35.24 12.48
C GLN C 25 40.55 -34.67 11.25
N LEU C 26 40.17 -35.52 10.28
CA LEU C 26 39.48 -35.01 9.10
C LEU C 26 38.15 -34.35 9.45
N GLN C 27 37.44 -34.87 10.45
CA GLN C 27 36.23 -34.21 10.90
C GLN C 27 36.56 -32.84 11.47
N MET C 28 37.62 -32.77 12.27
CA MET C 28 38.03 -31.48 12.80
C MET C 28 38.38 -30.53 11.67
N ASP C 29 38.99 -31.03 10.61
CA ASP C 29 39.30 -30.11 9.52
C ASP C 29 38.04 -29.49 8.97
N GLU C 30 36.96 -30.30 8.79
CA GLU C 30 35.69 -29.78 8.30
C GLU C 30 35.09 -28.77 9.26
N MET C 31 35.08 -29.09 10.56
CA MET C 31 34.53 -28.16 11.52
C MET C 31 35.26 -26.81 11.49
N LYS C 32 36.57 -26.81 11.24
CA LYS C 32 37.30 -25.56 11.09
C LYS C 32 36.79 -24.75 9.91
N GLN C 33 36.50 -25.40 8.77
CA GLN C 33 35.95 -24.63 7.65
C GLN C 33 34.57 -24.10 7.96
N THR C 34 33.72 -24.91 8.61
CA THR C 34 32.40 -24.44 9.00
C THR C 34 32.47 -23.22 9.91
N ILE C 35 33.32 -23.26 10.93
CA ILE C 35 33.44 -22.10 11.81
C ILE C 35 33.86 -20.88 11.01
N ALA C 36 34.79 -21.07 10.07
CA ALA C 36 35.25 -19.94 9.27
C ALA C 36 34.15 -19.39 8.39
N LYS C 37 33.41 -20.27 7.71
CA LYS C 37 32.34 -19.83 6.83
C LYS C 37 31.24 -19.11 7.59
N GLN C 38 30.79 -19.69 8.70
CA GLN C 38 29.72 -19.07 9.49
C GLN C 38 30.15 -17.71 10.04
N GLU C 39 31.43 -17.55 10.34
CA GLU C 39 31.93 -16.24 10.75
C GLU C 39 31.76 -15.24 9.63
N GLU C 40 32.03 -15.64 8.39
CA GLU C 40 31.79 -14.74 7.28
C GLU C 40 30.30 -14.44 7.15
N ASP C 41 29.45 -15.46 7.25
CA ASP C 41 28.02 -15.24 7.16
C ASP C 41 27.54 -14.24 8.19
N LEU C 42 28.10 -14.30 9.40
CA LEU C 42 27.69 -13.40 10.47
C LEU C 42 27.98 -11.94 10.18
N GLU C 43 28.94 -11.67 9.29
CA GLU C 43 29.23 -10.28 8.94
C GLU C 43 28.02 -9.57 8.35
N THR C 44 27.13 -10.32 7.67
CA THR C 44 25.91 -9.70 7.18
C THR C 44 25.13 -9.02 8.29
N MET C 45 25.41 -9.35 9.55
CA MET C 45 24.63 -8.76 10.63
C MET C 45 24.83 -7.24 10.69
N THR C 46 26.02 -6.73 10.37
CA THR C 46 26.23 -5.28 10.36
C THR C 46 25.42 -4.60 9.27
N ILE C 47 25.44 -5.15 8.05
CA ILE C 47 24.65 -4.55 6.98
C ILE C 47 23.17 -4.54 7.36
N LEU C 48 22.70 -5.60 8.01
CA LEU C 48 21.34 -5.59 8.54
C LEU C 48 21.14 -4.43 9.50
N ARG C 49 22.15 -4.16 10.34
CA ARG C 49 22.01 -3.05 11.28
C ARG C 49 21.92 -1.72 10.55
N ALA C 50 22.70 -1.54 9.48
CA ALA C 50 22.60 -0.32 8.68
C ALA C 50 21.22 -0.18 8.06
N GLN C 51 20.73 -1.23 7.41
CA GLN C 51 19.39 -1.19 6.84
C GLN C 51 18.36 -0.82 7.89
N MET C 52 18.44 -1.45 9.05
CA MET C 52 17.47 -1.19 10.10
C MET C 52 17.54 0.26 10.57
N GLU C 53 18.74 0.81 10.68
CA GLU C 53 18.86 2.20 11.10
C GLU C 53 18.30 3.13 10.03
N VAL C 54 18.52 2.80 8.76
CA VAL C 54 18.01 3.63 7.67
C VAL C 54 16.49 3.69 7.72
N TYR C 55 15.84 2.53 7.83
CA TYR C 55 14.39 2.49 7.89
C TYR C 55 13.87 3.20 9.14
N CYS C 56 14.58 3.07 10.26
CA CYS C 56 14.17 3.78 11.47
C CYS C 56 14.17 5.27 11.24
N SER C 57 15.24 5.80 10.63
CA SER C 57 15.32 7.23 10.36
C SER C 57 14.23 7.67 9.40
N ASP C 58 14.05 6.93 8.30
CA ASP C 58 13.02 7.27 7.34
C ASP C 58 11.65 7.30 7.98
N PHE C 59 11.38 6.41 8.94
CA PHE C 59 10.12 6.47 9.67
C PHE C 59 10.01 7.80 10.41
N HIS C 60 10.98 8.08 11.29
CA HIS C 60 10.96 9.31 12.08
C HIS C 60 10.90 10.54 11.20
N ALA C 61 11.66 10.54 10.10
CA ALA C 61 11.59 11.69 9.20
C ALA C 61 10.18 11.84 8.67
N GLU C 62 9.54 10.72 8.34
CA GLU C 62 8.17 10.77 7.86
C GLU C 62 7.24 11.31 8.94
N ARG C 63 7.37 10.82 10.17
CA ARG C 63 6.45 11.29 11.20
C ARG C 63 6.64 12.78 11.46
N ALA C 64 7.87 13.26 11.49
CA ALA C 64 8.06 14.70 11.64
C ALA C 64 7.35 15.45 10.52
N ALA C 65 7.52 14.98 9.28
CA ALA C 65 6.84 15.61 8.16
C ALA C 65 5.33 15.57 8.32
N ARG C 66 4.80 14.43 8.75
CA ARG C 66 3.36 14.29 8.96
C ARG C 66 2.84 15.26 10.01
N GLU C 67 3.59 15.46 11.09
CA GLU C 67 3.15 16.41 12.10
C GLU C 67 3.17 17.84 11.56
N LYS C 68 4.18 18.18 10.76
CA LYS C 68 4.21 19.54 10.20
C LYS C 68 3.05 19.78 9.25
N ILE C 69 2.79 18.83 8.34
CA ILE C 69 1.67 19.00 7.43
C ILE C 69 0.39 19.14 8.20
N HIS C 70 0.29 18.46 9.35
CA HIS C 70 -0.88 18.62 10.18
C HIS C 70 -1.05 20.04 10.66
N GLU C 71 -0.02 20.63 11.26
CA GLU C 71 -0.15 22.01 11.70
C GLU C 71 -0.58 22.90 10.54
N GLU C 72 0.05 22.73 9.37
CA GLU C 72 -0.30 23.57 8.23
C GLU C 72 -1.75 23.36 7.82
N LYS C 73 -2.20 22.11 7.83
CA LYS C 73 -3.59 21.83 7.51
C LYS C 73 -4.51 22.50 8.51
N GLU C 74 -4.09 22.57 9.77
CA GLU C 74 -4.92 23.23 10.78
C GLU C 74 -5.06 24.71 10.46
N GLN C 75 -3.93 25.37 10.17
CA GLN C 75 -3.94 26.79 9.86
C GLN C 75 -4.86 27.09 8.68
N LEU C 76 -4.79 26.28 7.62
CA LEU C 76 -5.68 26.50 6.48
C LEU C 76 -7.14 26.27 6.85
N ALA C 77 -7.44 25.14 7.49
CA ALA C 77 -8.82 24.89 7.88
C ALA C 77 -9.41 26.09 8.61
N LEU C 78 -8.59 26.72 9.46
CA LEU C 78 -9.06 27.88 10.20
C LEU C 78 -9.30 29.06 9.27
N GLN C 79 -8.36 29.33 8.37
CA GLN C 79 -8.55 30.39 7.38
C GLN C 79 -9.86 30.18 6.62
N LEU C 80 -10.12 28.94 6.20
CA LEU C 80 -11.34 28.62 5.49
C LEU C 80 -12.58 28.88 6.35
N ALA C 81 -12.59 28.35 7.58
CA ALA C 81 -13.72 28.58 8.47
C ALA C 81 -13.94 30.08 8.72
N VAL C 82 -12.86 30.83 8.90
CA VAL C 82 -12.97 32.27 9.15
C VAL C 82 -13.60 32.98 7.96
N LEU C 83 -13.21 32.58 6.75
CA LEU C 83 -13.80 33.20 5.57
C LEU C 83 -15.25 32.80 5.41
N LEU C 84 -15.59 31.56 5.77
CA LEU C 84 -16.96 31.07 5.64
C LEU C 84 -17.92 31.76 6.60
N LYS C 85 -17.53 31.94 7.86
CA LYS C 85 -18.38 32.67 8.80
C LYS C 85 -18.66 34.08 8.31
N GLU C 86 -17.68 34.70 7.65
CA GLU C 86 -17.87 36.06 7.13
C GLU C 86 -18.87 36.07 5.98
N ASN C 87 -18.69 35.17 5.00
CA ASN C 87 -19.62 35.11 3.88
C ASN C 87 -21.03 34.76 4.33
N ASP C 88 -21.15 33.87 5.32
CA ASP C 88 -22.46 33.49 5.83
C ASP C 88 -23.16 34.66 6.49
N ALA C 89 -22.57 35.23 7.53
CA ALA C 89 -23.20 36.33 8.25
C ALA C 89 -23.23 37.58 7.36
N PRO D 2 61.37 -59.63 24.51
CA PRO D 2 60.83 -60.56 23.52
C PRO D 2 59.35 -60.33 23.27
N ASP D 3 58.56 -61.37 23.51
CA ASP D 3 57.11 -61.21 23.46
C ASP D 3 56.64 -60.20 24.50
N ARG D 4 56.99 -60.44 25.77
CA ARG D 4 56.57 -59.48 26.79
C ARG D 4 57.05 -58.08 26.44
N ALA D 5 58.25 -57.96 25.87
CA ALA D 5 58.75 -56.65 25.49
C ALA D 5 57.97 -56.08 24.30
N VAL D 6 57.84 -56.85 23.22
CA VAL D 6 57.11 -56.38 22.06
C VAL D 6 55.68 -56.03 22.43
N LEU D 7 55.00 -56.92 23.13
CA LEU D 7 53.63 -56.68 23.55
C LEU D 7 53.51 -55.45 24.45
N LYS D 8 54.53 -55.18 25.26
CA LYS D 8 54.47 -53.98 26.11
C LYS D 8 54.55 -52.72 25.26
N GLU D 9 55.37 -52.74 24.21
CA GLU D 9 55.43 -51.59 23.31
C GLU D 9 54.09 -51.37 22.63
N LEU D 10 53.44 -52.43 22.19
CA LEU D 10 52.12 -52.29 21.59
C LEU D 10 51.14 -51.73 22.60
N SER D 11 51.12 -52.29 23.80
CA SER D 11 50.20 -51.81 24.81
C SER D 11 50.41 -50.34 25.08
N GLU D 12 51.67 -49.92 25.17
CA GLU D 12 51.92 -48.53 25.48
C GLU D 12 51.49 -47.62 24.33
N LYS D 13 51.69 -48.06 23.08
CA LYS D 13 51.27 -47.23 21.95
C LYS D 13 49.77 -47.20 21.83
N LEU D 14 49.10 -48.34 22.05
CA LEU D 14 47.65 -48.34 21.97
C LEU D 14 47.05 -47.45 23.05
N GLU D 15 47.61 -47.47 24.25
CA GLU D 15 47.14 -46.54 25.26
C GLU D 15 47.43 -45.11 24.82
N LEU D 16 48.58 -44.88 24.19
CA LEU D 16 48.86 -43.56 23.67
C LEU D 16 47.77 -43.14 22.69
N ALA D 17 47.38 -44.06 21.79
CA ALA D 17 46.32 -43.78 20.83
C ALA D 17 44.99 -43.47 21.51
N GLU D 18 44.63 -44.23 22.56
CA GLU D 18 43.34 -43.99 23.18
C GLU D 18 43.34 -42.67 23.93
N LYS D 19 44.48 -42.28 24.49
CA LYS D 19 44.59 -40.96 25.10
C LYS D 19 44.54 -39.88 24.04
N ALA D 20 45.23 -40.09 22.92
CA ALA D 20 45.22 -39.10 21.85
C ALA D 20 43.82 -38.94 21.29
N LEU D 21 43.07 -40.04 21.23
CA LEU D 21 41.70 -39.96 20.77
C LEU D 21 40.87 -39.09 21.68
N ALA D 22 40.95 -39.34 22.98
CA ALA D 22 40.20 -38.51 23.91
C ALA D 22 40.58 -37.05 23.75
N SER D 23 41.88 -36.78 23.62
CA SER D 23 42.34 -35.42 23.39
C SER D 23 41.70 -34.81 22.14
N LYS D 24 41.78 -35.50 21.00
CA LYS D 24 41.13 -34.96 19.81
C LYS D 24 39.63 -34.78 20.03
N GLN D 25 38.98 -35.71 20.71
CA GLN D 25 37.56 -35.56 20.94
C GLN D 25 37.27 -34.34 21.80
N LEU D 26 38.12 -34.07 22.80
CA LEU D 26 37.93 -32.86 23.59
C LEU D 26 38.01 -31.62 22.72
N GLN D 27 38.94 -31.60 21.77
CA GLN D 27 39.01 -30.47 20.85
C GLN D 27 37.75 -30.40 20.02
N MET D 28 37.23 -31.55 19.56
CA MET D 28 36.00 -31.48 18.80
C MET D 28 34.87 -30.91 19.63
N ASP D 29 34.78 -31.27 20.91
CA ASP D 29 33.70 -30.75 21.72
C ASP D 29 33.76 -29.24 21.84
N GLU D 30 34.97 -28.67 21.94
CA GLU D 30 35.09 -27.21 21.95
C GLU D 30 34.59 -26.62 20.65
N MET D 31 35.09 -27.12 19.51
CA MET D 31 34.64 -26.57 18.24
C MET D 31 33.14 -26.75 18.08
N LYS D 32 32.59 -27.86 18.57
CA LYS D 32 31.16 -28.10 18.45
C LYS D 32 30.36 -27.02 19.18
N GLN D 33 30.81 -26.60 20.36
CA GLN D 33 30.09 -25.52 21.02
C GLN D 33 30.30 -24.21 20.29
N THR D 34 31.51 -23.99 19.75
CA THR D 34 31.71 -22.80 18.93
C THR D 34 30.68 -22.74 17.80
N ILE D 35 30.53 -23.84 17.08
CA ILE D 35 29.55 -23.90 16.01
C ILE D 35 28.14 -23.66 16.53
N ALA D 36 27.84 -24.19 17.72
CA ALA D 36 26.50 -24.03 18.25
C ALA D 36 26.19 -22.57 18.54
N LYS D 37 27.17 -21.84 19.08
CA LYS D 37 26.95 -20.41 19.33
C LYS D 37 26.72 -19.69 18.01
N GLN D 38 27.54 -19.98 16.99
CA GLN D 38 27.37 -19.33 15.70
C GLN D 38 25.98 -19.58 15.15
N GLU D 39 25.47 -20.81 15.31
CA GLU D 39 24.11 -21.08 14.90
C GLU D 39 23.11 -20.27 15.73
N GLU D 40 23.37 -20.09 17.03
CA GLU D 40 22.53 -19.21 17.83
C GLU D 40 22.62 -17.78 17.31
N ASP D 41 23.84 -17.28 17.07
CA ASP D 41 23.96 -15.95 16.50
C ASP D 41 23.32 -15.85 15.12
N LEU D 42 23.40 -16.92 14.33
CA LEU D 42 22.77 -16.88 13.03
C LEU D 42 21.24 -16.83 13.16
N GLU D 43 20.69 -17.46 14.20
CA GLU D 43 19.26 -17.29 14.46
C GLU D 43 18.95 -15.85 14.81
N THR D 44 19.80 -15.24 15.65
CA THR D 44 19.61 -13.85 16.01
C THR D 44 19.73 -12.94 14.80
N MET D 45 20.50 -13.36 13.79
CA MET D 45 20.60 -12.56 12.58
C MET D 45 19.30 -12.61 11.77
N THR D 46 18.63 -13.76 11.76
CA THR D 46 17.36 -13.84 11.05
C THR D 46 16.31 -12.95 11.70
N ILE D 47 16.19 -13.07 13.02
CA ILE D 47 15.26 -12.22 13.76
C ILE D 47 15.63 -10.75 13.54
N LEU D 48 16.93 -10.46 13.50
CA LEU D 48 17.33 -9.11 13.11
C LEU D 48 16.76 -8.74 11.75
N ARG D 49 16.78 -9.68 10.81
CA ARG D 49 16.20 -9.43 9.49
C ARG D 49 14.71 -9.13 9.61
N ALA D 50 14.01 -9.86 10.47
CA ALA D 50 12.59 -9.61 10.67
C ALA D 50 12.36 -8.20 11.22
N GLN D 51 13.10 -7.85 12.27
CA GLN D 51 12.98 -6.50 12.81
C GLN D 51 13.24 -5.45 11.75
N MET D 52 14.25 -5.67 10.90
CA MET D 52 14.55 -4.69 9.87
C MET D 52 13.39 -4.57 8.88
N GLU D 53 12.75 -5.71 8.55
CA GLU D 53 11.60 -5.65 7.64
C GLU D 53 10.39 -4.97 8.30
N VAL D 54 10.19 -5.16 9.61
CA VAL D 54 9.13 -4.47 10.32
C VAL D 54 9.35 -2.96 10.26
N TYR D 55 10.58 -2.51 10.46
CA TYR D 55 10.83 -1.07 10.32
C TYR D 55 10.52 -0.61 8.91
N CYS D 56 10.92 -1.40 7.91
CA CYS D 56 10.61 -1.03 6.54
C CYS D 56 9.11 -0.88 6.36
N SER D 57 8.33 -1.81 6.90
CA SER D 57 6.88 -1.72 6.76
C SER D 57 6.34 -0.51 7.49
N ASP D 58 6.73 -0.34 8.76
CA ASP D 58 6.26 0.82 9.50
C ASP D 58 6.65 2.12 8.79
N PHE D 59 7.81 2.13 8.15
CA PHE D 59 8.17 3.30 7.34
C PHE D 59 7.14 3.51 6.22
N HIS D 60 6.83 2.46 5.48
CA HIS D 60 5.83 2.59 4.42
C HIS D 60 4.49 3.06 4.96
N ALA D 61 4.05 2.53 6.11
CA ALA D 61 2.76 2.94 6.66
C ALA D 61 2.76 4.40 7.06
N GLU D 62 3.83 4.86 7.71
CA GLU D 62 3.91 6.27 8.08
C GLU D 62 3.94 7.15 6.83
N ARG D 63 4.68 6.73 5.82
CA ARG D 63 4.72 7.51 4.59
C ARG D 63 3.32 7.61 3.98
N ALA D 64 2.58 6.51 3.98
CA ALA D 64 1.20 6.54 3.49
C ALA D 64 0.38 7.55 4.25
N ALA D 65 0.51 7.56 5.58
CA ALA D 65 -0.21 8.51 6.40
C ALA D 65 0.19 9.94 6.07
N ARG D 66 1.49 10.19 5.92
CA ARG D 66 1.93 11.55 5.59
C ARG D 66 1.40 11.99 4.24
N GLU D 67 1.42 11.12 3.25
CA GLU D 67 0.90 11.49 1.93
C GLU D 67 -0.59 11.73 1.96
N LYS D 68 -1.33 10.97 2.78
CA LYS D 68 -2.76 11.18 2.85
C LYS D 68 -3.09 12.54 3.43
N ILE D 69 -2.45 12.90 4.55
CA ILE D 69 -2.72 14.22 5.12
C ILE D 69 -2.25 15.31 4.17
N HIS D 70 -1.19 15.05 3.40
CA HIS D 70 -0.70 16.08 2.49
C HIS D 70 -1.74 16.41 1.43
N GLU D 71 -2.32 15.38 0.80
CA GLU D 71 -3.37 15.66 -0.16
C GLU D 71 -4.55 16.35 0.50
N GLU D 72 -4.76 16.10 1.79
CA GLU D 72 -5.84 16.80 2.49
C GLU D 72 -5.51 18.27 2.68
N LYS D 73 -4.26 18.56 3.05
CA LYS D 73 -3.78 19.94 3.07
C LYS D 73 -3.90 20.59 1.70
N GLU D 74 -3.55 19.87 0.64
CA GLU D 74 -3.60 20.43 -0.71
C GLU D 74 -5.02 20.73 -1.14
N GLN D 75 -5.98 19.90 -0.73
CA GLN D 75 -7.36 20.14 -1.14
C GLN D 75 -7.91 21.40 -0.48
N LEU D 76 -7.59 21.61 0.79
CA LEU D 76 -8.00 22.84 1.45
C LEU D 76 -7.33 24.05 0.81
N ALA D 77 -6.01 23.98 0.63
CA ALA D 77 -5.30 25.07 -0.04
C ALA D 77 -5.99 25.42 -1.35
N LEU D 78 -6.48 24.40 -2.06
CA LEU D 78 -7.17 24.62 -3.32
C LEU D 78 -8.48 25.36 -3.09
N GLN D 79 -9.27 24.92 -2.11
CA GLN D 79 -10.51 25.62 -1.81
C GLN D 79 -10.23 27.10 -1.57
N LEU D 80 -9.23 27.39 -0.74
CA LEU D 80 -8.89 28.77 -0.42
C LEU D 80 -8.51 29.55 -1.68
N ALA D 81 -7.57 29.02 -2.47
CA ALA D 81 -7.16 29.72 -3.68
C ALA D 81 -8.36 29.95 -4.61
N VAL D 82 -9.22 28.95 -4.75
CA VAL D 82 -10.40 29.10 -5.59
C VAL D 82 -11.35 30.14 -5.01
N LEU D 83 -11.57 30.10 -3.70
CA LEU D 83 -12.49 31.05 -3.07
C LEU D 83 -11.91 32.46 -3.10
N LEU D 84 -10.59 32.57 -2.94
CA LEU D 84 -9.95 33.89 -2.98
C LEU D 84 -9.96 34.44 -4.40
N LYS D 85 -9.69 33.58 -5.39
CA LYS D 85 -9.75 33.97 -6.79
C LYS D 85 -11.10 34.57 -7.16
N GLU D 86 -12.18 34.10 -6.52
CA GLU D 86 -13.50 34.65 -6.83
C GLU D 86 -13.65 36.07 -6.29
N ASN D 87 -13.34 36.27 -5.00
CA ASN D 87 -13.48 37.62 -4.46
C ASN D 87 -12.56 38.60 -5.17
N ASP D 88 -11.32 38.19 -5.42
CA ASP D 88 -10.41 39.05 -6.16
C ASP D 88 -10.88 39.24 -7.61
N ALA D 89 -11.49 38.22 -8.19
CA ALA D 89 -11.97 38.29 -9.57
C ALA D 89 -13.12 39.28 -9.71
N MET E 1 4.27 -25.62 30.75
CA MET E 1 3.33 -24.57 30.39
C MET E 1 3.98 -23.20 30.48
N GLN E 2 4.98 -23.08 31.36
CA GLN E 2 5.72 -21.83 31.49
C GLN E 2 6.56 -21.57 30.25
N ILE E 3 6.34 -20.42 29.61
CA ILE E 3 7.05 -20.05 28.39
C ILE E 3 7.71 -18.70 28.65
N PHE E 4 9.01 -18.63 28.38
CA PHE E 4 9.82 -17.44 28.59
C PHE E 4 10.12 -16.80 27.24
N VAL E 5 10.61 -15.56 27.27
CA VAL E 5 10.81 -14.81 26.04
C VAL E 5 12.15 -14.10 26.06
N LYS E 6 12.77 -14.04 24.90
CA LYS E 6 13.95 -13.23 24.62
C LYS E 6 13.56 -12.11 23.67
N THR E 7 14.27 -10.99 23.79
CA THR E 7 14.11 -9.87 22.87
C THR E 7 15.50 -9.46 22.42
N LEU E 8 15.62 -8.35 21.69
CA LEU E 8 16.94 -7.88 21.34
C LEU E 8 17.74 -7.53 22.61
N THR E 9 17.05 -7.12 23.67
CA THR E 9 17.65 -6.71 24.94
C THR E 9 17.54 -7.74 26.06
N GLY E 10 16.39 -8.41 26.20
CA GLY E 10 16.24 -9.44 27.22
C GLY E 10 15.23 -9.15 28.33
N LYS E 11 14.17 -9.96 28.39
CA LYS E 11 13.12 -9.80 29.40
C LYS E 11 12.30 -11.09 29.47
N THR E 12 12.09 -11.61 30.68
CA THR E 12 11.29 -12.82 30.86
C THR E 12 10.76 -12.90 32.28
N ILE E 13 9.43 -12.87 32.44
CA ILE E 13 8.81 -13.07 33.74
C ILE E 13 7.98 -14.35 33.70
N THR E 14 7.26 -14.63 34.79
CA THR E 14 6.43 -15.82 34.89
C THR E 14 5.33 -15.82 33.83
N LEU E 15 5.24 -16.92 33.09
CA LEU E 15 4.21 -17.08 32.06
C LEU E 15 3.65 -18.50 32.12
N GLU E 16 2.50 -18.69 31.46
CA GLU E 16 1.89 -20.01 31.39
C GLU E 16 0.60 -20.00 30.56
N VAL E 17 0.63 -20.74 29.45
CA VAL E 17 -0.53 -21.07 28.62
C VAL E 17 -0.14 -22.37 27.92
N GLU E 18 -1.00 -22.88 27.05
CA GLU E 18 -0.69 -24.04 26.22
C GLU E 18 -1.22 -23.76 24.81
N PRO E 19 -0.75 -24.52 23.81
CA PRO E 19 -0.96 -24.11 22.40
C PRO E 19 -2.40 -23.87 21.95
N SER E 20 -3.40 -24.03 22.84
CA SER E 20 -4.80 -23.86 22.45
C SER E 20 -5.21 -22.40 22.26
N ASP E 21 -4.54 -21.46 22.93
CA ASP E 21 -4.94 -20.06 22.81
C ASP E 21 -4.87 -19.59 21.36
N THR E 22 -5.74 -18.63 21.02
CA THR E 22 -5.88 -18.14 19.65
C THR E 22 -4.72 -17.22 19.26
N ILE E 23 -4.69 -16.84 17.98
CA ILE E 23 -3.65 -15.96 17.47
C ILE E 23 -3.77 -14.56 18.00
N GLU E 24 -4.97 -14.15 18.43
CA GLU E 24 -5.15 -12.85 19.06
C GLU E 24 -5.01 -12.92 20.57
N ASN E 25 -5.21 -14.09 21.18
CA ASN E 25 -5.12 -14.21 22.63
C ASN E 25 -3.68 -14.32 23.12
N VAL E 26 -2.76 -14.81 22.28
CA VAL E 26 -1.36 -14.86 22.69
C VAL E 26 -0.78 -13.45 22.75
N LYS E 27 -1.02 -12.64 21.72
CA LYS E 27 -0.65 -11.23 21.82
C LYS E 27 -1.47 -10.50 22.86
N ALA E 28 -2.64 -11.04 23.23
CA ALA E 28 -3.40 -10.46 24.33
C ALA E 28 -2.79 -10.86 25.68
N LYS E 29 -2.37 -12.12 25.79
CA LYS E 29 -1.68 -12.57 27.01
C LYS E 29 -0.33 -11.90 27.16
N ILE E 30 0.30 -11.52 26.04
CA ILE E 30 1.50 -10.70 26.11
C ILE E 30 1.16 -9.26 26.47
N GLN E 31 -0.08 -8.83 26.23
CA GLN E 31 -0.46 -7.47 26.56
C GLN E 31 -0.30 -7.20 28.06
N ASP E 32 -1.03 -7.96 28.88
CA ASP E 32 -0.95 -7.80 30.33
C ASP E 32 0.32 -8.38 30.92
N LYS E 33 1.14 -9.05 30.11
CA LYS E 33 2.37 -9.69 30.56
C LYS E 33 3.60 -8.88 30.21
N GLU E 34 3.68 -8.34 28.99
CA GLU E 34 4.81 -7.52 28.60
C GLU E 34 4.51 -6.02 28.70
N GLY E 35 3.23 -5.62 28.66
CA GLY E 35 2.83 -4.25 28.90
C GLY E 35 2.94 -3.32 27.70
N ILE E 36 3.27 -3.84 26.53
CA ILE E 36 3.34 -3.05 25.29
C ILE E 36 2.14 -3.43 24.43
N PRO E 37 1.53 -2.48 23.72
CA PRO E 37 0.26 -2.77 23.06
C PRO E 37 0.40 -4.00 22.19
N PRO E 38 -0.72 -4.58 21.77
CA PRO E 38 -0.64 -5.82 20.99
C PRO E 38 -0.24 -5.58 19.54
N ASP E 39 -0.72 -4.48 18.97
CA ASP E 39 -0.42 -4.15 17.57
C ASP E 39 0.94 -3.52 17.37
N GLN E 40 1.72 -3.33 18.44
CA GLN E 40 3.14 -2.96 18.33
C GLN E 40 4.10 -4.14 18.53
N GLN E 41 3.59 -5.31 18.92
CA GLN E 41 4.44 -6.46 19.15
C GLN E 41 4.31 -7.44 18.00
N ARG E 42 5.43 -8.02 17.59
CA ARG E 42 5.46 -9.10 16.62
C ARG E 42 6.37 -10.18 17.18
N LEU E 43 5.82 -11.34 17.49
CA LEU E 43 6.55 -12.41 18.14
C LEU E 43 7.00 -13.43 17.11
N ILE E 44 8.17 -14.00 17.33
CA ILE E 44 8.72 -14.98 16.40
C ILE E 44 9.32 -16.12 17.20
N PHE E 45 9.08 -17.34 16.72
CA PHE E 45 9.55 -18.54 17.37
C PHE E 45 10.03 -19.49 16.29
N ALA E 46 11.34 -19.70 16.22
CA ALA E 46 11.96 -20.65 15.28
C ALA E 46 11.66 -20.30 13.82
N GLY E 47 11.68 -19.01 13.50
CA GLY E 47 11.45 -18.57 12.14
C GLY E 47 10.01 -18.51 11.70
N LYS E 48 9.06 -18.48 12.64
CA LYS E 48 7.64 -18.38 12.34
C LYS E 48 7.01 -17.30 13.20
N GLN E 49 6.54 -16.23 12.58
CA GLN E 49 5.81 -15.17 13.27
C GLN E 49 4.32 -15.50 13.20
N LEU E 50 3.74 -15.90 14.32
CA LEU E 50 2.34 -16.32 14.31
C LEU E 50 1.44 -15.15 13.89
N GLU E 51 0.54 -15.42 12.93
CA GLU E 51 -0.28 -14.37 12.34
C GLU E 51 -1.64 -14.22 13.06
N ASP E 52 -2.41 -13.22 12.62
CA ASP E 52 -3.72 -12.92 13.19
C ASP E 52 -4.86 -13.56 12.40
N GLY E 53 -5.85 -14.09 13.13
CA GLY E 53 -7.01 -14.71 12.52
C GLY E 53 -6.90 -16.20 12.28
N ARG E 54 -5.99 -16.88 12.97
CA ARG E 54 -5.83 -18.32 12.84
C ARG E 54 -5.26 -18.83 14.15
N THR E 55 -5.99 -19.73 14.81
CA THR E 55 -5.62 -20.20 16.13
C THR E 55 -4.22 -20.79 16.13
N LEU E 56 -3.55 -20.68 17.29
CA LEU E 56 -2.22 -21.21 17.52
C LEU E 56 -2.22 -22.73 17.51
N SER E 57 -3.39 -23.33 17.30
CA SER E 57 -3.51 -24.77 17.12
C SER E 57 -3.39 -25.18 15.66
N ASP E 58 -3.57 -24.22 14.74
CA ASP E 58 -3.37 -24.52 13.32
C ASP E 58 -1.98 -25.09 13.09
N TYR E 59 -0.96 -24.50 13.73
CA TYR E 59 0.44 -24.99 13.67
C TYR E 59 1.00 -24.96 15.09
N ASN E 60 0.76 -26.03 15.85
CA ASN E 60 0.99 -26.06 17.29
C ASN E 60 2.28 -25.35 17.66
N ILE E 61 2.17 -24.32 18.50
CA ILE E 61 3.32 -23.58 19.02
C ILE E 61 4.01 -24.42 20.08
N GLN E 62 5.24 -24.87 19.80
CA GLN E 62 5.98 -25.71 20.74
C GLN E 62 6.00 -25.06 22.12
N LYS E 63 5.77 -25.89 23.14
CA LYS E 63 5.60 -25.42 24.50
C LYS E 63 6.95 -25.28 25.24
N GLU E 64 7.00 -24.31 26.14
CA GLU E 64 8.13 -24.12 27.06
C GLU E 64 9.46 -23.93 26.32
N SER E 65 9.50 -22.85 25.52
CA SER E 65 10.70 -22.46 24.79
C SER E 65 10.85 -20.94 24.89
N THR E 66 11.94 -20.41 24.30
CA THR E 66 12.29 -18.99 24.38
C THR E 66 11.93 -18.26 23.08
N LEU E 67 11.05 -17.25 23.19
CA LEU E 67 10.52 -16.54 22.03
C LEU E 67 11.28 -15.25 21.77
N HIS E 68 11.35 -14.87 20.50
CA HIS E 68 11.97 -13.64 20.05
C HIS E 68 10.88 -12.59 19.87
N LEU E 69 11.17 -11.37 20.27
CA LEU E 69 10.18 -10.30 20.19
C LEU E 69 10.73 -9.19 19.31
N VAL E 70 9.98 -8.83 18.27
CA VAL E 70 10.32 -7.74 17.38
C VAL E 70 9.29 -6.64 17.62
N LEU E 71 9.75 -5.40 17.58
CA LEU E 71 8.92 -4.28 17.99
C LEU E 71 8.63 -3.37 16.81
N ARG E 72 7.38 -2.90 16.74
CA ARG E 72 7.02 -1.95 15.71
C ARG E 72 7.39 -0.55 16.17
N LEU E 73 7.60 0.33 15.20
CA LEU E 73 7.80 1.73 15.55
C LEU E 73 6.48 2.43 15.81
N ARG E 74 5.37 1.85 15.34
CA ARG E 74 4.05 2.46 15.48
C ARG E 74 3.00 1.37 15.59
N GLY E 75 1.85 1.74 16.16
CA GLY E 75 0.65 0.94 16.13
C GLY E 75 -0.25 1.32 14.97
N GLY E 76 -1.54 1.04 15.14
CA GLY E 76 -2.48 1.34 14.08
C GLY E 76 -3.27 2.63 14.22
N MET E 77 -3.23 3.28 15.39
CA MET E 77 -3.99 4.49 15.64
C MET E 77 -3.14 5.55 16.32
N GLN E 78 -3.00 6.68 15.65
CA GLN E 78 -2.38 7.87 16.23
C GLN E 78 -3.40 8.99 16.38
N ILE E 79 -3.24 9.76 17.45
CA ILE E 79 -3.91 11.04 17.58
C ILE E 79 -2.82 12.09 17.62
N PHE E 80 -3.20 13.32 17.30
CA PHE E 80 -2.29 14.46 17.36
C PHE E 80 -2.67 15.28 18.58
N VAL E 81 -1.66 15.84 19.25
CA VAL E 81 -1.86 16.71 20.38
C VAL E 81 -1.18 18.01 20.05
N LYS E 82 -1.93 19.10 20.14
CA LYS E 82 -1.48 20.42 19.73
C LYS E 82 -1.26 21.26 20.98
N THR E 83 -0.05 21.75 21.16
CA THR E 83 0.21 22.63 22.30
C THR E 83 -0.17 24.08 21.95
N LEU E 84 -0.43 24.89 22.99
CA LEU E 84 -0.80 26.28 22.71
C LEU E 84 0.24 26.97 21.87
N THR E 85 1.51 26.54 21.95
CA THR E 85 2.61 27.12 21.17
C THR E 85 2.64 26.64 19.72
N GLY E 86 1.73 25.77 19.30
CA GLY E 86 1.62 25.32 17.93
C GLY E 86 2.22 23.94 17.66
N LYS E 87 3.15 23.48 18.49
CA LYS E 87 3.73 22.16 18.28
C LYS E 87 2.68 21.06 18.37
N THR E 88 2.76 20.10 17.45
CA THR E 88 1.89 18.92 17.49
C THR E 88 2.75 17.67 17.61
N ILE E 89 2.37 16.80 18.52
CA ILE E 89 3.06 15.54 18.72
C ILE E 89 2.07 14.43 18.41
N THR E 90 2.60 13.29 18.01
CA THR E 90 1.78 12.14 17.65
C THR E 90 1.88 11.12 18.76
N LEU E 91 0.73 10.62 19.20
CA LEU E 91 0.67 9.60 20.25
C LEU E 91 0.12 8.32 19.66
N GLU E 92 0.73 7.21 20.04
CA GLU E 92 0.15 5.92 19.74
C GLU E 92 -0.86 5.59 20.83
N VAL E 93 -2.11 5.31 20.43
CA VAL E 93 -3.19 5.05 21.39
C VAL E 93 -4.00 3.85 20.91
N GLU E 94 -4.87 3.37 21.79
CA GLU E 94 -5.85 2.34 21.45
C GLU E 94 -7.21 2.88 21.87
N PRO E 95 -8.28 2.56 21.13
CA PRO E 95 -9.57 3.19 21.44
C PRO E 95 -10.01 3.01 22.88
N SER E 96 -9.58 1.92 23.54
CA SER E 96 -9.91 1.67 24.93
C SER E 96 -9.06 2.48 25.90
N ASP E 97 -8.13 3.28 25.41
CA ASP E 97 -7.32 4.09 26.29
C ASP E 97 -8.19 5.11 27.02
N THR E 98 -8.01 5.19 28.33
CA THR E 98 -8.63 6.26 29.08
C THR E 98 -7.87 7.56 28.84
N ILE E 99 -8.50 8.67 29.20
CA ILE E 99 -7.81 9.95 29.09
C ILE E 99 -6.66 10.04 30.08
N GLU E 100 -6.72 9.29 31.18
CA GLU E 100 -5.56 9.25 32.07
C GLU E 100 -4.41 8.50 31.41
N ASN E 101 -4.71 7.43 30.67
CA ASN E 101 -3.65 6.78 29.89
C ASN E 101 -3.02 7.74 28.91
N VAL E 102 -3.84 8.58 28.27
CA VAL E 102 -3.33 9.51 27.27
C VAL E 102 -2.38 10.51 27.92
N LYS E 103 -2.75 11.01 29.09
CA LYS E 103 -1.88 11.96 29.75
C LYS E 103 -0.56 11.30 30.12
N ALA E 104 -0.61 10.03 30.51
CA ALA E 104 0.61 9.32 30.82
C ALA E 104 1.49 9.17 29.59
N LYS E 105 0.89 8.95 28.43
CA LYS E 105 1.67 8.85 27.21
C LYS E 105 2.32 10.18 26.88
N ILE E 106 1.63 11.28 27.11
CA ILE E 106 2.21 12.59 26.84
C ILE E 106 3.42 12.83 27.73
N GLN E 107 3.32 12.46 29.01
CA GLN E 107 4.46 12.58 29.91
C GLN E 107 5.65 11.77 29.38
N ASP E 108 5.41 10.55 28.93
CA ASP E 108 6.50 9.74 28.40
C ASP E 108 7.14 10.41 27.20
N LYS E 109 6.37 11.20 26.46
CA LYS E 109 6.92 11.87 25.29
C LYS E 109 7.48 13.25 25.63
N GLU E 110 6.84 13.98 26.54
CA GLU E 110 7.19 15.37 26.78
C GLU E 110 7.62 15.66 28.21
N GLY E 111 7.51 14.71 29.14
CA GLY E 111 7.92 14.95 30.50
C GLY E 111 7.00 15.83 31.32
N ILE E 112 5.79 16.09 30.83
CA ILE E 112 4.84 16.89 31.60
C ILE E 112 4.10 15.96 32.54
N PRO E 113 4.09 16.23 33.84
CA PRO E 113 3.34 15.39 34.78
C PRO E 113 1.87 15.41 34.45
N PRO E 114 1.20 14.25 34.37
CA PRO E 114 -0.23 14.26 34.06
C PRO E 114 -1.00 15.24 34.91
N ASP E 115 -0.64 15.36 36.19
CA ASP E 115 -1.31 16.31 37.06
C ASP E 115 -1.33 17.71 36.47
N GLN E 116 -0.38 18.02 35.59
CA GLN E 116 -0.26 19.35 35.03
C GLN E 116 -1.01 19.51 33.72
N GLN E 117 -1.65 18.46 33.22
CA GLN E 117 -2.19 18.41 31.87
C GLN E 117 -3.70 18.61 31.88
N ARG E 118 -4.17 19.51 31.02
CA ARG E 118 -5.58 19.63 30.64
C ARG E 118 -5.72 19.34 29.15
N LEU E 119 -6.73 18.57 28.76
CA LEU E 119 -6.88 18.18 27.37
C LEU E 119 -8.26 18.60 26.88
N ILE E 120 -8.32 19.12 25.66
CA ILE E 120 -9.55 19.67 25.09
C ILE E 120 -9.84 18.94 23.78
N PHE E 121 -11.10 18.60 23.57
CA PHE E 121 -11.52 17.95 22.33
C PHE E 121 -12.96 18.32 22.06
N ALA E 122 -13.26 18.66 20.80
CA ALA E 122 -14.62 19.05 20.45
C ALA E 122 -15.12 20.18 21.36
N GLY E 123 -14.21 21.07 21.73
CA GLY E 123 -14.59 22.19 22.56
C GLY E 123 -14.90 21.91 24.01
N LYS E 124 -14.64 20.69 24.51
CA LYS E 124 -14.96 20.35 25.90
C LYS E 124 -13.73 19.76 26.56
N GLN E 125 -13.61 19.97 27.87
CA GLN E 125 -12.45 19.45 28.60
C GLN E 125 -12.65 17.99 28.95
N LEU E 126 -11.61 17.19 28.72
CA LEU E 126 -11.70 15.75 28.87
C LEU E 126 -11.45 15.35 30.31
N GLU E 127 -12.12 14.29 30.73
CA GLU E 127 -12.02 13.77 32.10
C GLU E 127 -11.21 12.49 32.10
N ASP E 128 -10.33 12.36 33.10
CA ASP E 128 -9.36 11.26 33.12
C ASP E 128 -10.03 9.90 32.95
N GLY E 129 -11.14 9.67 33.64
CA GLY E 129 -11.67 8.32 33.73
C GLY E 129 -12.35 7.80 32.49
N ARG E 130 -12.55 8.64 31.48
CA ARG E 130 -13.25 8.23 30.28
C ARG E 130 -12.26 7.73 29.22
N THR E 131 -12.82 7.12 28.18
CA THR E 131 -12.06 6.49 27.11
C THR E 131 -12.14 7.33 25.84
N LEU E 132 -11.14 7.15 24.98
CA LEU E 132 -11.20 7.75 23.66
C LEU E 132 -12.53 7.42 23.01
N SER E 133 -13.01 6.21 23.23
CA SER E 133 -14.27 5.78 22.63
C SER E 133 -15.44 6.59 23.18
N ASP E 134 -15.46 6.82 24.50
CA ASP E 134 -16.54 7.61 25.08
C ASP E 134 -16.64 8.99 24.45
N TYR E 135 -15.51 9.56 24.04
CA TYR E 135 -15.49 10.88 23.45
C TYR E 135 -15.55 10.84 21.92
N ASN E 136 -15.55 9.65 21.33
CA ASN E 136 -15.54 9.49 19.88
C ASN E 136 -14.26 10.06 19.25
N ILE E 137 -13.16 9.98 19.98
CA ILE E 137 -11.86 10.35 19.45
C ILE E 137 -11.36 9.23 18.54
N GLN E 138 -10.90 9.59 17.35
CA GLN E 138 -10.59 8.60 16.34
C GLN E 138 -9.23 8.89 15.71
N LYS E 139 -8.80 7.98 14.84
CA LYS E 139 -7.53 8.12 14.14
C LYS E 139 -7.35 9.53 13.62
N GLU E 140 -6.19 10.13 13.93
CA GLU E 140 -5.85 11.47 13.46
C GLU E 140 -6.74 12.56 14.03
N SER E 141 -7.58 12.26 15.02
CA SER E 141 -8.22 13.34 15.77
C SER E 141 -7.16 14.21 16.42
N THR E 142 -7.55 15.42 16.80
CA THR E 142 -6.64 16.38 17.39
C THR E 142 -7.14 16.81 18.75
N LEU E 143 -6.38 16.49 19.79
CA LEU E 143 -6.60 17.03 21.11
C LEU E 143 -5.73 18.28 21.29
N HIS E 144 -6.17 19.18 22.18
CA HIS E 144 -5.45 20.40 22.51
C HIS E 144 -5.01 20.33 23.96
N LEU E 145 -3.72 20.53 24.18
CA LEU E 145 -3.12 20.44 25.49
C LEU E 145 -2.98 21.83 26.10
N VAL E 146 -3.47 21.99 27.32
CA VAL E 146 -3.25 23.20 28.09
C VAL E 146 -2.63 22.79 29.41
N LEU E 147 -1.59 23.49 29.83
CA LEU E 147 -0.93 23.20 31.10
C LEU E 147 -1.56 24.05 32.18
N ARG E 148 -1.58 23.51 33.38
CA ARG E 148 -2.22 24.17 34.50
C ARG E 148 -1.39 25.37 34.95
N LEU E 149 -2.07 26.45 35.33
CA LEU E 149 -1.37 27.65 35.79
C LEU E 149 -1.42 27.88 37.29
N ARG E 150 -2.51 27.51 37.96
CA ARG E 150 -2.60 27.66 39.41
C ARG E 150 -2.53 26.31 40.12
N MET F 1 -25.25 -5.86 -30.15
CA MET F 1 -25.81 -4.52 -30.20
C MET F 1 -24.78 -3.50 -30.66
N GLN F 2 -25.04 -2.83 -31.79
CA GLN F 2 -24.14 -1.78 -32.24
C GLN F 2 -24.22 -0.65 -31.23
N ILE F 3 -23.11 -0.40 -30.53
CA ILE F 3 -23.06 0.58 -29.45
C ILE F 3 -21.89 1.53 -29.68
N PHE F 4 -22.17 2.84 -29.64
CA PHE F 4 -21.19 3.90 -29.84
C PHE F 4 -20.92 4.63 -28.53
N VAL F 5 -19.86 5.45 -28.55
CA VAL F 5 -19.41 6.20 -27.39
C VAL F 5 -19.02 7.60 -27.85
N LYS F 6 -19.20 8.58 -26.96
CA LYS F 6 -18.71 9.93 -27.18
C LYS F 6 -17.49 10.17 -26.30
N THR F 7 -16.53 10.93 -26.82
CA THR F 7 -15.30 11.24 -26.10
C THR F 7 -14.99 12.74 -26.18
N LEU F 8 -13.84 13.13 -25.63
CA LEU F 8 -13.41 14.53 -25.68
C LEU F 8 -13.12 14.99 -27.10
N THR F 9 -12.51 14.14 -27.92
CA THR F 9 -12.17 14.49 -29.29
C THR F 9 -13.02 13.79 -30.34
N GLY F 10 -13.26 12.50 -30.17
CA GLY F 10 -14.08 11.74 -31.11
C GLY F 10 -13.28 10.70 -31.88
N LYS F 11 -13.58 9.43 -31.65
CA LYS F 11 -12.93 8.34 -32.37
C LYS F 11 -13.82 7.12 -32.23
N THR F 12 -14.31 6.61 -33.36
CA THR F 12 -15.20 5.45 -33.36
C THR F 12 -15.23 4.87 -34.75
N ILE F 13 -14.82 3.61 -34.89
CA ILE F 13 -14.90 2.89 -36.16
C ILE F 13 -15.95 1.81 -35.98
N THR F 14 -16.08 0.91 -36.97
CA THR F 14 -17.09 -0.13 -36.86
C THR F 14 -16.86 -0.92 -35.58
N LEU F 15 -17.90 -0.97 -34.73
CA LEU F 15 -17.85 -1.67 -33.46
C LEU F 15 -19.16 -2.41 -33.26
N GLU F 16 -19.15 -3.35 -32.32
CA GLU F 16 -20.34 -4.16 -32.06
C GLU F 16 -20.09 -5.17 -30.95
N VAL F 17 -20.97 -5.19 -29.95
CA VAL F 17 -20.94 -6.23 -28.93
C VAL F 17 -22.36 -6.50 -28.47
N GLU F 18 -22.52 -7.43 -27.54
CA GLU F 18 -23.81 -7.71 -26.95
C GLU F 18 -23.59 -7.84 -25.42
N PRO F 19 -24.65 -7.59 -24.64
CA PRO F 19 -24.42 -7.49 -23.17
C PRO F 19 -23.89 -8.76 -22.55
N SER F 20 -23.78 -9.85 -23.33
CA SER F 20 -23.30 -11.11 -22.79
C SER F 20 -21.79 -11.10 -22.59
N ASP F 21 -21.07 -10.31 -23.38
CA ASP F 21 -19.61 -10.25 -23.27
C ASP F 21 -19.21 -9.77 -21.88
N THR F 22 -18.02 -10.18 -21.44
CA THR F 22 -17.55 -9.83 -20.11
C THR F 22 -17.10 -8.37 -20.07
N ILE F 23 -16.81 -7.88 -18.85
CA ILE F 23 -16.35 -6.50 -18.71
C ILE F 23 -14.99 -6.30 -19.33
N GLU F 24 -14.23 -7.38 -19.55
CA GLU F 24 -12.98 -7.30 -20.29
C GLU F 24 -13.19 -7.45 -21.78
N ASN F 25 -14.31 -8.06 -22.20
CA ASN F 25 -14.60 -8.20 -23.62
C ASN F 25 -15.18 -6.92 -24.21
N VAL F 26 -15.82 -6.10 -23.37
CA VAL F 26 -16.28 -4.78 -23.80
C VAL F 26 -15.09 -3.86 -23.98
N LYS F 27 -14.14 -3.88 -23.04
CA LYS F 27 -12.88 -3.17 -23.22
C LYS F 27 -12.08 -3.74 -24.37
N ALA F 28 -12.39 -4.96 -24.82
CA ALA F 28 -11.74 -5.51 -26.00
C ALA F 28 -12.29 -4.91 -27.28
N LYS F 29 -13.61 -4.74 -27.39
CA LYS F 29 -14.17 -4.10 -28.57
C LYS F 29 -13.75 -2.65 -28.66
N ILE F 30 -13.48 -2.02 -27.51
CA ILE F 30 -12.93 -0.68 -27.53
C ILE F 30 -11.47 -0.69 -27.95
N GLN F 31 -10.80 -1.85 -27.87
CA GLN F 31 -9.42 -1.93 -28.29
C GLN F 31 -9.26 -1.51 -29.75
N ASP F 32 -9.95 -2.23 -30.65
CA ASP F 32 -9.93 -1.89 -32.07
C ASP F 32 -10.85 -0.71 -32.42
N LYS F 33 -11.61 -0.19 -31.46
CA LYS F 33 -12.54 0.91 -31.71
C LYS F 33 -12.03 2.26 -31.20
N GLU F 34 -11.48 2.30 -29.98
CA GLU F 34 -10.95 3.53 -29.41
C GLU F 34 -9.43 3.64 -29.45
N GLY F 35 -8.73 2.52 -29.58
CA GLY F 35 -7.28 2.56 -29.76
C GLY F 35 -6.45 2.66 -28.51
N ILE F 36 -7.04 2.55 -27.33
CA ILE F 36 -6.23 2.58 -26.11
C ILE F 36 -6.28 1.19 -25.47
N PRO F 37 -5.19 0.70 -24.89
CA PRO F 37 -5.17 -0.69 -24.34
C PRO F 37 -6.23 -0.90 -23.26
N PRO F 38 -6.45 -2.15 -22.85
CA PRO F 38 -7.58 -2.41 -21.92
C PRO F 38 -7.30 -1.92 -20.51
N ASP F 39 -6.08 -2.08 -20.01
CA ASP F 39 -5.77 -1.66 -18.65
C ASP F 39 -5.50 -0.17 -18.55
N GLN F 40 -5.60 0.58 -19.66
CA GLN F 40 -5.54 2.03 -19.60
C GLN F 40 -6.92 2.68 -19.65
N GLN F 41 -7.97 1.91 -19.95
CA GLN F 41 -9.34 2.40 -20.04
C GLN F 41 -10.14 1.92 -18.84
N ARG F 42 -11.03 2.80 -18.35
CA ARG F 42 -11.98 2.48 -17.30
C ARG F 42 -13.35 2.96 -17.76
N LEU F 43 -14.30 2.05 -17.86
CA LEU F 43 -15.58 2.32 -18.49
C LEU F 43 -16.62 2.68 -17.43
N ILE F 44 -17.50 3.63 -17.76
CA ILE F 44 -18.55 4.07 -16.86
C ILE F 44 -19.84 4.28 -17.64
N PHE F 45 -20.94 3.85 -17.06
CA PHE F 45 -22.26 3.91 -17.70
C PHE F 45 -23.25 4.44 -16.66
N ALA F 46 -23.67 5.69 -16.85
CA ALA F 46 -24.69 6.33 -16.01
C ALA F 46 -24.27 6.36 -14.54
N GLY F 47 -22.99 6.64 -14.31
CA GLY F 47 -22.49 6.74 -12.95
C GLY F 47 -22.17 5.42 -12.29
N LYS F 48 -22.02 4.34 -13.06
CA LYS F 48 -21.63 3.03 -12.53
C LYS F 48 -20.46 2.55 -13.38
N GLN F 49 -19.27 2.52 -12.77
CA GLN F 49 -18.07 2.04 -13.47
C GLN F 49 -17.95 0.54 -13.23
N LEU F 50 -18.43 -0.25 -14.19
CA LEU F 50 -18.45 -1.70 -14.07
C LEU F 50 -17.04 -2.26 -14.22
N GLU F 51 -16.66 -3.16 -13.29
CA GLU F 51 -15.37 -3.82 -13.28
C GLU F 51 -15.50 -5.17 -13.98
N ASP F 52 -14.40 -5.93 -14.02
CA ASP F 52 -14.42 -7.25 -14.63
C ASP F 52 -14.87 -8.26 -13.59
N GLY F 53 -15.67 -9.22 -14.01
CA GLY F 53 -16.30 -10.14 -13.09
C GLY F 53 -17.73 -9.78 -12.73
N ARG F 54 -18.46 -9.11 -13.63
CA ARG F 54 -19.85 -8.76 -13.42
C ARG F 54 -20.52 -8.70 -14.78
N THR F 55 -21.55 -9.52 -15.00
CA THR F 55 -22.17 -9.60 -16.31
C THR F 55 -22.65 -8.22 -16.77
N LEU F 56 -22.55 -7.97 -18.07
CA LEU F 56 -22.99 -6.70 -18.62
C LEU F 56 -24.50 -6.57 -18.71
N SER F 57 -25.25 -7.62 -18.37
CA SER F 57 -26.71 -7.55 -18.28
C SER F 57 -27.21 -7.34 -16.85
N ASP F 58 -26.36 -7.63 -15.84
CA ASP F 58 -26.76 -7.39 -14.46
C ASP F 58 -27.22 -5.95 -14.26
N TYR F 59 -26.54 -5.01 -14.90
CA TYR F 59 -26.93 -3.60 -14.95
C TYR F 59 -26.91 -3.25 -16.44
N ASN F 60 -28.00 -3.59 -17.12
CA ASN F 60 -28.09 -3.62 -18.57
C ASN F 60 -27.44 -2.40 -19.22
N ILE F 61 -26.42 -2.64 -20.03
CA ILE F 61 -25.83 -1.59 -20.85
C ILE F 61 -26.78 -1.37 -22.02
N GLN F 62 -27.51 -0.26 -22.01
CA GLN F 62 -28.47 0.02 -23.07
C GLN F 62 -27.80 -0.05 -24.42
N LYS F 63 -28.48 -0.66 -25.39
CA LYS F 63 -27.88 -0.86 -26.70
C LYS F 63 -28.08 0.38 -27.56
N GLU F 64 -27.08 0.67 -28.39
CA GLU F 64 -27.14 1.77 -29.36
C GLU F 64 -27.39 3.11 -28.66
N SER F 65 -26.44 3.49 -27.80
CA SER F 65 -26.48 4.78 -27.11
C SER F 65 -25.08 5.39 -27.10
N THR F 66 -24.99 6.65 -26.65
CA THR F 66 -23.72 7.37 -26.58
C THR F 66 -23.29 7.48 -25.12
N LEU F 67 -22.20 6.79 -24.77
CA LEU F 67 -21.68 6.72 -23.41
C LEU F 67 -20.41 7.56 -23.26
N HIS F 68 -20.18 8.06 -22.05
CA HIS F 68 -18.94 8.74 -21.74
C HIS F 68 -17.98 7.77 -21.04
N LEU F 69 -16.73 7.76 -21.51
CA LEU F 69 -15.67 6.89 -21.02
C LEU F 69 -14.46 7.74 -20.69
N VAL F 70 -13.81 7.45 -19.56
CA VAL F 70 -12.62 8.16 -19.12
C VAL F 70 -11.39 7.27 -19.27
N LEU F 71 -10.27 7.91 -19.62
CA LEU F 71 -9.02 7.25 -19.95
C LEU F 71 -7.95 7.52 -18.91
N ARG F 72 -7.12 6.51 -18.65
CA ARG F 72 -6.05 6.56 -17.68
C ARG F 72 -4.82 7.25 -18.24
N LEU F 73 -3.98 7.73 -17.33
CA LEU F 73 -2.67 8.26 -17.70
C LEU F 73 -1.63 7.17 -17.88
N ARG F 74 -1.86 5.97 -17.35
CA ARG F 74 -0.85 4.91 -17.41
C ARG F 74 -1.54 3.56 -17.50
N GLY F 75 -0.80 2.60 -18.01
CA GLY F 75 -1.22 1.21 -17.97
C GLY F 75 -0.70 0.51 -16.74
N GLY F 76 -0.65 -0.81 -16.83
CA GLY F 76 -0.21 -1.60 -15.70
C GLY F 76 1.23 -2.07 -15.79
N MET F 77 1.86 -1.93 -16.96
CA MET F 77 3.24 -2.37 -17.12
C MET F 77 4.03 -1.33 -17.88
N GLN F 78 5.10 -0.84 -17.27
CA GLN F 78 6.06 0.00 -17.97
C GLN F 78 7.40 -0.71 -18.05
N ILE F 79 8.10 -0.50 -19.16
CA ILE F 79 9.51 -0.83 -19.24
C ILE F 79 10.25 0.47 -19.51
N PHE F 80 11.54 0.45 -19.21
CA PHE F 80 12.42 1.58 -19.46
C PHE F 80 13.31 1.29 -20.65
N VAL F 81 13.60 2.33 -21.42
CA VAL F 81 14.51 2.27 -22.54
C VAL F 81 15.61 3.29 -22.29
N LYS F 82 16.86 2.86 -22.38
CA LYS F 82 18.00 3.72 -22.06
C LYS F 82 18.75 4.07 -23.34
N THR F 83 18.94 5.36 -23.57
CA THR F 83 19.78 5.75 -24.70
C THR F 83 21.24 5.73 -24.28
N LEU F 84 22.13 5.59 -25.28
CA LEU F 84 23.57 5.66 -25.00
C LEU F 84 23.92 6.96 -24.30
N THR F 85 23.13 8.01 -24.52
CA THR F 85 23.38 9.29 -23.88
C THR F 85 22.91 9.31 -22.44
N GLY F 86 22.30 8.24 -21.95
CA GLY F 86 21.90 8.13 -20.57
C GLY F 86 20.44 8.40 -20.31
N LYS F 87 19.77 9.09 -21.23
CA LYS F 87 18.37 9.40 -21.04
C LYS F 87 17.58 8.11 -20.87
N THR F 88 16.60 8.14 -19.99
CA THR F 88 15.69 7.01 -19.82
C THR F 88 14.30 7.45 -20.22
N ILE F 89 13.63 6.63 -21.00
CA ILE F 89 12.24 6.90 -21.33
C ILE F 89 11.41 5.72 -20.87
N THR F 90 10.14 5.97 -20.57
CA THR F 90 9.24 4.97 -20.03
C THR F 90 8.23 4.58 -21.10
N LEU F 91 8.03 3.29 -21.30
CA LEU F 91 7.06 2.81 -22.27
C LEU F 91 5.94 2.05 -21.58
N GLU F 92 4.71 2.33 -21.98
CA GLU F 92 3.59 1.50 -21.58
C GLU F 92 3.50 0.33 -22.54
N VAL F 93 3.60 -0.90 -22.03
CA VAL F 93 3.65 -2.08 -22.87
C VAL F 93 2.76 -3.16 -22.29
N GLU F 94 2.58 -4.23 -23.06
CA GLU F 94 1.93 -5.46 -22.66
C GLU F 94 2.81 -6.66 -23.02
N PRO F 95 2.78 -7.72 -22.20
CA PRO F 95 3.66 -8.86 -22.47
C PRO F 95 3.53 -9.39 -23.87
N SER F 96 2.36 -9.23 -24.49
CA SER F 96 2.16 -9.69 -25.85
C SER F 96 2.77 -8.77 -26.89
N ASP F 97 3.34 -7.64 -26.48
CA ASP F 97 3.97 -6.74 -27.44
C ASP F 97 5.21 -7.37 -28.05
N THR F 98 5.31 -7.29 -29.37
CA THR F 98 6.52 -7.68 -30.07
C THR F 98 7.57 -6.60 -29.88
N ILE F 99 8.85 -6.94 -30.08
CA ILE F 99 9.82 -5.86 -29.94
C ILE F 99 9.71 -4.89 -31.12
N GLU F 100 9.10 -5.30 -32.23
CA GLU F 100 8.79 -4.35 -33.30
C GLU F 100 7.76 -3.32 -32.86
N ASN F 101 6.75 -3.75 -32.09
CA ASN F 101 5.83 -2.80 -31.47
C ASN F 101 6.57 -1.86 -30.54
N VAL F 102 7.54 -2.38 -29.79
CA VAL F 102 8.29 -1.54 -28.87
C VAL F 102 9.06 -0.46 -29.63
N LYS F 103 9.63 -0.82 -30.78
CA LYS F 103 10.35 0.17 -31.58
C LYS F 103 9.40 1.24 -32.13
N ALA F 104 8.19 0.84 -32.51
CA ALA F 104 7.21 1.81 -32.94
C ALA F 104 6.85 2.76 -31.79
N LYS F 105 6.85 2.26 -30.56
CA LYS F 105 6.63 3.12 -29.41
C LYS F 105 7.79 4.07 -29.21
N ILE F 106 9.01 3.61 -29.44
CA ILE F 106 10.17 4.49 -29.27
C ILE F 106 10.15 5.60 -30.30
N GLN F 107 9.81 5.25 -31.56
CA GLN F 107 9.70 6.28 -32.59
C GLN F 107 8.73 7.37 -32.17
N ASP F 108 7.60 6.99 -31.56
CA ASP F 108 6.65 7.99 -31.10
C ASP F 108 7.24 8.87 -30.01
N LYS F 109 8.15 8.35 -29.21
CA LYS F 109 8.69 9.19 -28.14
C LYS F 109 9.89 9.99 -28.62
N GLU F 110 10.73 9.42 -29.48
CA GLU F 110 12.02 9.98 -29.84
C GLU F 110 12.17 10.34 -31.30
N GLY F 111 11.19 10.02 -32.14
CA GLY F 111 11.30 10.34 -33.55
C GLY F 111 12.29 9.51 -34.33
N ILE F 112 12.80 8.42 -33.77
CA ILE F 112 13.74 7.56 -34.50
C ILE F 112 12.98 6.49 -35.27
N PRO F 113 13.21 6.34 -36.57
CA PRO F 113 12.53 5.30 -37.37
C PRO F 113 12.90 3.92 -36.86
N PRO F 114 11.91 3.04 -36.68
CA PRO F 114 12.21 1.70 -36.16
C PRO F 114 13.35 1.00 -36.91
N ASP F 115 13.47 1.21 -38.22
CA ASP F 115 14.58 0.59 -38.96
C ASP F 115 15.93 0.94 -38.35
N GLN F 116 16.02 2.09 -37.66
CA GLN F 116 17.28 2.61 -37.16
C GLN F 116 17.59 2.19 -35.74
N GLN F 117 16.74 1.39 -35.13
CA GLN F 117 16.84 1.08 -33.71
C GLN F 117 17.34 -0.33 -33.53
N ARG F 118 18.36 -0.48 -32.70
CA ARG F 118 18.76 -1.79 -32.19
C ARG F 118 18.48 -1.78 -30.69
N LEU F 119 17.92 -2.88 -30.18
CA LEU F 119 17.53 -2.95 -28.78
C LEU F 119 18.25 -4.11 -28.12
N ILE F 120 18.75 -3.88 -26.91
CA ILE F 120 19.56 -4.84 -26.18
C ILE F 120 18.88 -5.12 -24.84
N PHE F 121 18.88 -6.38 -24.42
CA PHE F 121 18.31 -6.77 -23.14
C PHE F 121 19.04 -8.01 -22.63
N ALA F 122 19.37 -8.01 -21.34
CA ALA F 122 20.06 -9.16 -20.78
C ALA F 122 21.27 -9.49 -21.62
N GLY F 123 21.96 -8.46 -22.08
CA GLY F 123 23.17 -8.69 -22.83
C GLY F 123 22.99 -9.27 -24.21
N LYS F 124 21.77 -9.34 -24.72
CA LYS F 124 21.50 -9.96 -26.02
C LYS F 124 20.72 -9.02 -26.92
N GLN F 125 20.90 -9.21 -28.23
CA GLN F 125 20.23 -8.40 -29.23
C GLN F 125 18.80 -8.91 -29.40
N LEU F 126 17.82 -8.00 -29.35
CA LEU F 126 16.42 -8.39 -29.44
C LEU F 126 15.97 -8.45 -30.89
N GLU F 127 15.08 -9.40 -31.19
CA GLU F 127 14.61 -9.63 -32.56
C GLU F 127 13.17 -9.13 -32.69
N ASP F 128 12.90 -8.39 -33.79
CA ASP F 128 11.63 -7.70 -33.99
C ASP F 128 10.43 -8.60 -33.78
N GLY F 129 10.48 -9.83 -34.30
CA GLY F 129 9.27 -10.62 -34.30
C GLY F 129 8.87 -11.26 -32.99
N ARG F 130 9.68 -11.11 -31.96
CA ARG F 130 9.44 -11.76 -30.68
C ARG F 130 8.70 -10.83 -29.73
N THR F 131 8.17 -11.40 -28.66
CA THR F 131 7.38 -10.65 -27.69
C THR F 131 8.17 -10.44 -26.40
N LEU F 132 7.77 -9.41 -25.65
CA LEU F 132 8.36 -9.17 -24.34
C LEU F 132 8.36 -10.44 -23.51
N SER F 133 7.29 -11.22 -23.58
CA SER F 133 7.23 -12.45 -22.79
C SER F 133 8.28 -13.45 -23.26
N ASP F 134 8.47 -13.60 -24.58
CA ASP F 134 9.46 -14.55 -25.08
C ASP F 134 10.84 -14.26 -24.49
N TYR F 135 11.13 -13.00 -24.22
CA TYR F 135 12.41 -12.61 -23.64
C TYR F 135 12.39 -12.51 -22.12
N ASN F 136 11.26 -12.77 -21.48
CA ASN F 136 11.14 -12.62 -20.03
C ASN F 136 11.37 -11.18 -19.60
N ILE F 137 11.04 -10.24 -20.48
CA ILE F 137 11.05 -8.83 -20.11
C ILE F 137 9.86 -8.54 -19.24
N GLN F 138 10.07 -7.88 -18.11
CA GLN F 138 9.02 -7.70 -17.12
C GLN F 138 8.96 -6.24 -16.68
N LYS F 139 7.92 -5.94 -15.88
CA LYS F 139 7.71 -4.60 -15.35
C LYS F 139 9.04 -4.04 -14.86
N GLU F 140 9.34 -2.82 -15.29
CA GLU F 140 10.54 -2.09 -14.92
C GLU F 140 11.82 -2.72 -15.46
N SER F 141 11.72 -3.70 -16.37
CA SER F 141 12.89 -4.15 -17.11
C SER F 141 13.49 -2.98 -17.87
N THR F 142 14.77 -3.11 -18.22
CA THR F 142 15.50 -2.04 -18.90
C THR F 142 16.10 -2.53 -20.19
N LEU F 143 15.64 -1.96 -21.30
CA LEU F 143 16.25 -2.19 -22.61
C LEU F 143 17.23 -1.07 -22.92
N HIS F 144 18.21 -1.36 -23.77
CA HIS F 144 19.22 -0.39 -24.16
C HIS F 144 19.08 -0.12 -25.65
N LEU F 145 18.96 1.16 -26.03
CA LEU F 145 18.81 1.53 -27.43
C LEU F 145 20.15 1.93 -28.01
N VAL F 146 20.48 1.34 -29.15
CA VAL F 146 21.63 1.71 -29.97
C VAL F 146 21.09 1.99 -31.36
N LEU F 147 21.57 3.06 -31.99
CA LEU F 147 21.14 3.39 -33.34
C LEU F 147 22.04 2.70 -34.34
N ARG F 148 21.49 2.35 -35.50
CA ARG F 148 22.33 1.71 -36.49
C ARG F 148 23.31 2.71 -37.08
N LEU F 149 24.47 2.19 -37.42
CA LEU F 149 25.51 2.97 -38.08
C LEU F 149 25.58 2.65 -39.57
N ARG F 150 25.27 1.39 -39.92
CA ARG F 150 25.13 0.90 -41.30
C ARG F 150 26.05 1.61 -42.30
N ARG G 2 -64.93 45.94 -7.65
CA ARG G 2 -63.70 45.64 -6.91
C ARG G 2 -62.59 46.64 -7.28
N GLY G 3 -62.76 47.37 -8.39
CA GLY G 3 -61.84 48.46 -8.65
C GLY G 3 -60.44 47.96 -8.97
N ARG G 4 -59.56 48.93 -9.24
CA ARG G 4 -58.16 48.60 -9.48
C ARG G 4 -57.64 47.75 -8.33
N TRP G 5 -56.64 46.92 -8.61
CA TRP G 5 -56.08 46.03 -7.62
C TRP G 5 -54.58 46.28 -7.50
N ALA G 6 -54.07 46.18 -6.28
CA ALA G 6 -52.66 46.48 -6.00
C ALA G 6 -51.88 45.19 -6.07
N CYS G 7 -50.87 45.17 -6.95
CA CYS G 7 -49.97 44.02 -7.03
C CYS G 7 -49.21 43.86 -5.73
N GLN G 8 -49.28 42.66 -5.15
CA GLN G 8 -48.68 42.39 -3.86
C GLN G 8 -47.17 42.20 -3.94
N SER G 9 -46.60 42.13 -5.16
CA SER G 9 -45.16 41.99 -5.31
C SER G 9 -44.47 43.28 -5.72
N CYS G 10 -45.10 44.15 -6.50
CA CYS G 10 -44.43 45.38 -6.89
C CYS G 10 -45.25 46.63 -6.59
N THR G 11 -46.47 46.48 -6.09
CA THR G 11 -47.35 47.56 -5.61
C THR G 11 -48.02 48.35 -6.74
N PHE G 12 -47.78 48.04 -8.00
CA PHE G 12 -48.47 48.75 -9.07
C PHE G 12 -49.98 48.48 -9.03
N GLU G 13 -50.77 49.53 -9.23
CA GLU G 13 -52.23 49.44 -9.20
C GLU G 13 -52.76 49.15 -10.61
N ASN G 14 -53.27 47.95 -10.80
CA ASN G 14 -53.71 47.49 -12.11
C ASN G 14 -55.21 47.67 -12.32
N GLU G 15 -55.62 47.63 -13.57
CA GLU G 15 -57.01 47.82 -13.89
C GLU G 15 -57.81 46.57 -13.55
N ALA G 16 -59.07 46.77 -13.20
CA ALA G 16 -59.88 45.65 -12.76
C ALA G 16 -59.92 44.54 -13.82
N ALA G 17 -59.79 44.89 -15.09
CA ALA G 17 -59.89 43.89 -16.15
C ALA G 17 -58.62 43.09 -16.35
N ALA G 18 -57.50 43.54 -15.78
CA ALA G 18 -56.24 42.82 -15.94
C ALA G 18 -56.23 41.60 -15.03
N VAL G 19 -55.63 40.52 -15.51
CA VAL G 19 -55.35 39.35 -14.67
C VAL G 19 -53.87 39.24 -14.27
N LEU G 20 -52.96 39.93 -14.98
CA LEU G 20 -51.54 39.97 -14.66
C LEU G 20 -51.12 41.40 -14.39
N CYS G 21 -50.05 41.59 -13.61
CA CYS G 21 -49.55 42.93 -13.33
C CYS G 21 -48.87 43.52 -14.56
N SER G 22 -49.17 44.79 -14.86
CA SER G 22 -48.62 45.38 -16.08
C SER G 22 -47.11 45.57 -15.98
N ILE G 23 -46.57 45.71 -14.76
CA ILE G 23 -45.14 45.92 -14.61
C ILE G 23 -44.39 44.61 -14.45
N CYS G 24 -44.77 43.79 -13.46
CA CYS G 24 -44.00 42.57 -13.18
C CYS G 24 -44.64 41.31 -13.72
N GLU G 25 -45.83 41.40 -14.32
CA GLU G 25 -46.49 40.28 -14.99
C GLU G 25 -46.90 39.14 -14.06
N ARG G 26 -46.92 39.38 -12.67
CA ARG G 26 -47.42 38.33 -11.78
C ARG G 26 -48.93 38.41 -11.64
N PRO G 27 -49.59 37.27 -11.46
CA PRO G 27 -51.05 37.26 -11.37
C PRO G 27 -51.53 37.86 -10.06
N ARG G 28 -52.80 38.24 -10.05
CA ARG G 28 -53.35 38.99 -8.92
C ARG G 28 -53.23 38.23 -7.61
N LEU G 29 -53.45 36.93 -7.64
CA LEU G 29 -53.48 36.13 -6.42
C LEU G 29 -52.13 35.54 -6.07
N ALA G 30 -51.06 35.97 -6.74
CA ALA G 30 -49.76 35.40 -6.47
C ALA G 30 -48.93 36.35 -5.63
N ARG H 2 -67.53 26.88 -24.81
CA ARG H 2 -67.55 25.98 -23.66
C ARG H 2 -67.77 24.53 -24.10
N GLY H 3 -68.21 23.69 -23.16
CA GLY H 3 -68.34 22.26 -23.39
C GLY H 3 -67.07 21.51 -22.99
N ARG H 4 -67.16 20.19 -22.99
CA ARG H 4 -66.00 19.37 -22.68
C ARG H 4 -64.88 19.64 -23.67
N TRP H 5 -63.62 19.52 -23.22
CA TRP H 5 -62.49 19.76 -24.09
C TRP H 5 -61.40 18.71 -23.90
N ALA H 6 -60.72 18.40 -24.99
CA ALA H 6 -59.66 17.40 -24.99
C ALA H 6 -58.32 18.10 -24.76
N CYS H 7 -57.56 17.60 -23.79
CA CYS H 7 -56.23 18.14 -23.57
C CYS H 7 -55.37 17.88 -24.80
N GLN H 8 -54.75 18.95 -25.31
CA GLN H 8 -53.92 18.84 -26.50
C GLN H 8 -52.60 18.14 -26.25
N SER H 9 -52.22 17.92 -24.99
CA SER H 9 -50.98 17.25 -24.66
C SER H 9 -51.17 15.77 -24.36
N CYS H 10 -52.09 15.43 -23.46
CA CYS H 10 -52.24 14.05 -23.03
C CYS H 10 -53.56 13.41 -23.48
N THR H 11 -54.44 14.18 -24.11
CA THR H 11 -55.69 13.72 -24.73
C THR H 11 -56.77 13.45 -23.68
N PHE H 12 -56.53 13.69 -22.40
CA PHE H 12 -57.62 13.52 -21.44
C PHE H 12 -58.74 14.49 -21.75
N GLU H 13 -59.98 13.99 -21.67
CA GLU H 13 -61.15 14.81 -22.00
C GLU H 13 -61.64 15.50 -20.74
N ASN H 14 -61.45 16.81 -20.67
CA ASN H 14 -61.77 17.52 -19.46
C ASN H 14 -63.18 18.06 -19.51
N GLU H 15 -63.72 18.34 -18.33
CA GLU H 15 -65.04 18.93 -18.25
C GLU H 15 -64.92 20.42 -18.55
N ALA H 16 -66.02 21.00 -19.01
CA ALA H 16 -66.04 22.39 -19.43
C ALA H 16 -65.62 23.34 -18.32
N ALA H 17 -65.80 22.95 -17.06
CA ALA H 17 -65.50 23.85 -15.96
C ALA H 17 -64.01 23.91 -15.64
N ALA H 18 -63.22 22.97 -16.15
CA ALA H 18 -61.79 22.95 -15.88
C ALA H 18 -61.06 23.97 -16.74
N VAL H 19 -60.07 24.65 -16.14
CA VAL H 19 -59.18 25.50 -16.91
C VAL H 19 -57.81 24.87 -17.11
N LEU H 20 -57.46 23.84 -16.34
CA LEU H 20 -56.26 23.05 -16.52
C LEU H 20 -56.70 21.62 -16.74
N CYS H 21 -55.86 20.85 -17.41
CA CYS H 21 -56.17 19.43 -17.59
C CYS H 21 -56.08 18.72 -16.25
N SER H 22 -57.03 17.84 -15.99
CA SER H 22 -57.04 17.18 -14.69
C SER H 22 -55.83 16.26 -14.46
N ILE H 23 -55.23 15.71 -15.52
CA ILE H 23 -54.15 14.74 -15.35
C ILE H 23 -52.79 15.42 -15.40
N CYS H 24 -52.53 16.19 -16.48
CA CYS H 24 -51.21 16.79 -16.70
C CYS H 24 -51.12 18.24 -16.28
N GLU H 25 -52.22 18.85 -15.84
CA GLU H 25 -52.29 20.20 -15.30
C GLU H 25 -51.95 21.28 -16.32
N ARG H 26 -51.90 20.95 -17.61
CA ARG H 26 -51.61 21.99 -18.57
C ARG H 26 -52.88 22.73 -18.97
N PRO H 27 -52.77 24.01 -19.24
CA PRO H 27 -53.97 24.80 -19.54
C PRO H 27 -54.52 24.40 -20.90
N ARG H 28 -55.80 24.75 -21.09
CA ARG H 28 -56.52 24.30 -22.27
C ARG H 28 -55.86 24.81 -23.55
N LEU H 29 -55.38 26.05 -23.54
CA LEU H 29 -54.82 26.68 -24.73
C LEU H 29 -53.30 26.50 -24.84
N ALA H 30 -52.70 25.63 -24.02
CA ALA H 30 -51.25 25.44 -24.05
C ALA H 30 -50.84 24.20 -24.83
N ARG I 2 57.86 -50.88 12.49
CA ARG I 2 57.79 -50.32 11.15
CA ARG I 2 57.81 -50.32 11.15
C ARG I 2 58.72 -49.11 11.01
N GLY I 3 59.37 -48.69 12.11
CA GLY I 3 60.33 -47.60 12.01
C GLY I 3 59.68 -46.22 12.07
N ARG I 4 60.52 -45.19 12.00
CA ARG I 4 59.95 -43.84 11.98
C ARG I 4 58.99 -43.70 10.80
N TRP I 5 58.04 -42.79 10.94
CA TRP I 5 57.03 -42.55 9.91
C TRP I 5 57.05 -41.07 9.54
N ALA I 6 56.77 -40.79 8.28
CA ALA I 6 56.87 -39.44 7.76
C ALA I 6 55.49 -38.80 7.82
N CYS I 7 55.38 -37.67 8.50
CA CYS I 7 54.14 -36.93 8.54
C CYS I 7 53.81 -36.47 7.12
N GLN I 8 52.60 -36.76 6.67
CA GLN I 8 52.24 -36.40 5.31
C GLN I 8 51.79 -34.95 5.17
N SER I 9 51.49 -34.25 6.27
CA SER I 9 51.14 -32.83 6.21
C SER I 9 52.36 -31.93 6.29
N CYS I 10 53.36 -32.27 7.11
CA CYS I 10 54.48 -31.34 7.30
C CYS I 10 55.87 -31.93 7.04
N THR I 11 55.98 -33.23 6.73
CA THR I 11 57.16 -34.03 6.37
C THR I 11 58.03 -34.39 7.58
N PHE I 12 57.69 -33.96 8.79
CA PHE I 12 58.52 -34.35 9.91
C PHE I 12 58.48 -35.85 10.08
N GLU I 13 59.63 -36.45 10.38
CA GLU I 13 59.75 -37.89 10.59
C GLU I 13 59.65 -38.18 12.08
N ASN I 14 58.57 -38.85 12.47
CA ASN I 14 58.30 -39.14 13.86
C ASN I 14 58.79 -40.53 14.24
N GLU I 15 58.91 -40.75 15.54
CA GLU I 15 59.37 -42.03 16.06
C GLU I 15 58.26 -43.06 15.99
N ALA I 16 58.65 -44.33 15.90
CA ALA I 16 57.68 -45.39 15.74
C ALA I 16 56.64 -45.37 16.86
N ALA I 17 56.99 -44.87 18.04
CA ALA I 17 56.09 -44.91 19.18
C ALA I 17 55.04 -43.81 19.17
N ALA I 18 55.20 -42.78 18.35
CA ALA I 18 54.25 -41.68 18.28
C ALA I 18 53.06 -42.04 17.41
N VAL I 19 51.87 -41.60 17.82
CA VAL I 19 50.68 -41.68 16.98
C VAL I 19 50.29 -40.33 16.41
N LEU I 20 50.79 -39.24 16.95
CA LEU I 20 50.57 -37.91 16.42
C LEU I 20 51.90 -37.30 16.05
N CYS I 21 51.88 -36.42 15.05
CA CYS I 21 53.13 -35.78 14.64
C CYS I 21 53.58 -34.81 15.71
N SER I 22 54.89 -34.81 15.99
CA SER I 22 55.43 -33.96 17.05
C SER I 22 55.36 -32.48 16.70
N ILE I 23 55.34 -32.13 15.42
CA ILE I 23 55.36 -30.72 15.02
C ILE I 23 53.93 -30.23 14.86
N CYS I 24 53.15 -30.86 13.98
CA CYS I 24 51.80 -30.39 13.68
C CYS I 24 50.71 -31.17 14.38
N GLU I 25 51.06 -32.22 15.13
CA GLU I 25 50.15 -32.99 15.97
C GLU I 25 49.00 -33.61 15.20
N ARG I 26 49.13 -33.75 13.86
CA ARG I 26 48.14 -34.51 13.11
C ARG I 26 48.50 -35.99 13.14
N PRO I 27 47.50 -36.87 13.07
CA PRO I 27 47.75 -38.30 13.19
C PRO I 27 48.41 -38.88 11.92
N ARG I 28 48.99 -40.07 12.08
CA ARG I 28 49.80 -40.65 11.01
C ARG I 28 48.98 -40.87 9.74
N LEU I 29 47.73 -41.31 9.88
CA LEU I 29 46.93 -41.66 8.72
C LEU I 29 46.09 -40.51 8.20
N ALA I 30 46.31 -39.28 8.69
CA ALA I 30 45.53 -38.14 8.20
C ALA I 30 46.38 -37.36 7.22
N ARG J 2 40.50 -54.58 26.08
CA ARG J 2 40.60 -55.48 27.22
CA ARG J 2 40.55 -55.56 27.17
C ARG J 2 39.27 -55.52 28.01
N GLY J 3 38.29 -56.28 27.53
CA GLY J 3 36.94 -56.50 28.04
C GLY J 3 35.96 -55.48 27.50
N ARG J 4 34.67 -55.83 27.55
CA ARG J 4 33.62 -54.93 27.07
C ARG J 4 33.61 -53.66 27.88
N TRP J 5 33.21 -52.55 27.24
CA TRP J 5 33.17 -51.27 27.94
C TRP J 5 31.88 -50.52 27.63
N ALA J 6 31.41 -49.79 28.64
CA ALA J 6 30.20 -48.99 28.54
C ALA J 6 30.56 -47.58 28.10
N CYS J 7 29.89 -47.08 27.06
CA CYS J 7 30.12 -45.70 26.65
C CYS J 7 29.70 -44.77 27.78
N GLN J 8 30.59 -43.85 28.14
CA GLN J 8 30.32 -42.94 29.23
C GLN J 8 29.38 -41.83 28.84
N SER J 9 29.13 -41.62 27.55
CA SER J 9 28.19 -40.60 27.13
CA SER J 9 28.19 -40.59 27.13
C SER J 9 26.79 -41.15 26.88
N CYS J 10 26.66 -42.20 26.07
CA CYS J 10 25.32 -42.71 25.73
C CYS J 10 24.98 -44.03 26.41
N THR J 11 25.93 -44.63 27.12
CA THR J 11 25.80 -45.84 27.92
C THR J 11 25.76 -47.10 27.06
N PHE J 12 25.95 -47.00 25.74
CA PHE J 12 26.03 -48.23 24.95
C PHE J 12 27.20 -49.05 25.44
N GLU J 13 27.00 -50.38 25.48
CA GLU J 13 28.04 -51.32 25.91
C GLU J 13 28.78 -51.82 24.68
N ASN J 14 30.02 -51.39 24.51
CA ASN J 14 30.78 -51.73 23.32
C ASN J 14 31.65 -52.96 23.55
N GLU J 15 32.04 -53.60 22.45
CA GLU J 15 32.88 -54.77 22.55
C GLU J 15 34.30 -54.34 22.83
N ALA J 16 35.07 -55.23 23.44
CA ALA J 16 36.44 -54.88 23.81
C ALA J 16 37.25 -54.43 22.60
N ALA J 17 36.90 -54.88 21.40
CA ALA J 17 37.74 -54.50 20.27
C ALA J 17 37.49 -53.08 19.79
N ALA J 18 36.40 -52.44 20.24
CA ALA J 18 36.08 -51.10 19.80
C ALA J 18 36.95 -50.08 20.52
N VAL J 19 37.40 -49.08 19.77
CA VAL J 19 38.09 -47.94 20.34
C VAL J 19 37.22 -46.69 20.34
N LEU J 20 36.14 -46.65 19.53
CA LEU J 20 35.13 -45.60 19.55
C LEU J 20 33.79 -46.25 19.85
N CYS J 21 32.88 -45.51 20.46
CA CYS J 21 31.58 -46.10 20.74
C CYS J 21 30.86 -46.37 19.43
N SER J 22 30.24 -47.55 19.33
CA SER J 22 29.55 -47.91 18.10
C SER J 22 28.35 -47.02 17.79
N ILE J 23 27.72 -46.39 18.81
CA ILE J 23 26.51 -45.61 18.54
C ILE J 23 26.85 -44.15 18.36
N CYS J 24 27.53 -43.54 19.33
CA CYS J 24 27.79 -42.10 19.29
C CYS J 24 29.18 -41.74 18.81
N GLU J 25 30.03 -42.74 18.54
CA GLU J 25 31.38 -42.59 18.02
C GLU J 25 32.33 -41.84 18.97
N ARG J 26 31.99 -41.70 20.26
CA ARG J 26 33.00 -41.06 21.11
C ARG J 26 34.05 -42.06 21.56
N PRO J 27 35.27 -41.63 21.79
CA PRO J 27 36.32 -42.55 22.19
C PRO J 27 36.11 -42.98 23.62
N ARG J 28 36.74 -44.10 23.97
CA ARG J 28 36.48 -44.73 25.26
C ARG J 28 36.86 -43.83 26.42
N LEU J 29 37.99 -43.13 26.34
CA LEU J 29 38.46 -42.34 27.45
C LEU J 29 37.95 -40.90 27.42
N ALA J 30 36.98 -40.58 26.57
CA ALA J 30 36.43 -39.23 26.50
C ALA J 30 35.09 -39.13 27.21
#